data_7SR0
#
_entry.id   7SR0
#
_cell.length_a   117.713
_cell.length_b   117.713
_cell.length_c   261.836
_cell.angle_alpha   90.000
_cell.angle_beta   90.000
_cell.angle_gamma   90.000
#
_symmetry.space_group_name_H-M   'P 41 21 2'
#
loop_
_entity.id
_entity.type
_entity.pdbx_description
1 polymer 'Protein E7 peptide,Beta-2-microglobulin,MHC class I antigen chimera'
2 polymer VHH
3 non-polymer 'PHOSPHATE ION'
4 water water
#
loop_
_entity_poly.entity_id
_entity_poly.type
_entity_poly.pdbx_seq_one_letter_code
_entity_poly.pdbx_strand_id
1 'polypeptide(L)'
;YMLDLQPETGCGGSGGGGSGGGGSIQRTPKIQVYSRHPAENGKSNFLNCYVSGFHPSDIEVDLLKNGERIEKVEHSDLSF
SKDWSFYLLYYTEFTPTEKDEYACRVNHVTLSQPKIVKWDRDMGGGGSGGGGSGGGGSGGGGSGSHSMRYFFTSVSRPGR
GEPRFIAVGYVDDTQFVRFDSDAASQRMEPRAPWIEQEGPEYWDGETRKVKAHSQTLRVDLGTLRGCYNQSEAGSHTVQR
MYGCDVGSDWRFLRGYHQYAYDGKDYIALKEDLRSWTAADMAAQTTKHKWEAAHVAEQLRAYLEGTCVEWLRRYLENGKE
TLQRTDAPKTHMTHHAVSDHEATLRCWALSFYPAEITLTWQRDGEDQTQDTELVETRPAGDGTFQKWAAVVVPSGQEQRY
TCHVQHEGLPKPLTLRWEHHHHHH
;
A,C
2 'polypeptide(L)'
;EVKLVESGGGLVQPGGSLRLSCAASGSIFSINTMGWYRQTPGKQRDLVADISSGGSTKYGDSVKGRFTISRDNTKNTVYL
QMNSLKPEDTAVYYCYGLSYSNDDYWGQGTQVTVSS
;
B,D
#
loop_
_chem_comp.id
_chem_comp.type
_chem_comp.name
_chem_comp.formula
PO4 non-polymer 'PHOSPHATE ION' 'O4 P -3'
#
# COMPACT_ATOMS: atom_id res chain seq x y z
N TYR A 1 26.26 12.51 -8.25
CA TYR A 1 27.45 11.79 -7.84
C TYR A 1 27.16 10.29 -7.81
N MET A 2 27.78 9.55 -8.72
CA MET A 2 27.44 8.15 -8.92
C MET A 2 28.17 7.25 -7.93
N LEU A 3 27.69 6.01 -7.87
CA LEU A 3 28.31 4.98 -7.06
C LEU A 3 29.61 4.50 -7.71
N ASP A 4 30.68 4.44 -6.90
CA ASP A 4 31.98 4.01 -7.40
C ASP A 4 32.20 2.51 -7.24
N LEU A 5 31.14 1.72 -7.34
CA LEU A 5 31.26 0.27 -7.19
C LEU A 5 30.32 -0.40 -8.18
N GLN A 6 30.89 -1.27 -9.02
CA GLN A 6 30.14 -1.98 -10.06
C GLN A 6 30.31 -3.48 -9.84
N PRO A 7 29.49 -4.08 -8.98
CA PRO A 7 29.60 -5.52 -8.73
C PRO A 7 29.02 -6.32 -9.88
N GLU A 8 29.77 -7.32 -10.34
CA GLU A 8 29.30 -8.18 -11.42
C GLU A 8 28.29 -9.18 -10.89
N THR A 9 27.43 -9.66 -11.79
CA THR A 9 26.48 -10.71 -11.47
C THR A 9 27.09 -12.08 -11.75
N GLY A 10 26.72 -13.06 -10.93
CA GLY A 10 27.31 -14.37 -11.02
C GLY A 10 26.51 -15.37 -11.83
N CYS A 11 25.35 -15.76 -11.29
CA CYS A 11 24.50 -16.83 -11.84
C CYS A 11 25.30 -17.99 -12.43
N ILE A 25 8.51 -11.26 -21.77
CA ILE A 25 7.59 -10.26 -21.24
C ILE A 25 7.75 -8.94 -21.98
N GLN A 26 6.94 -8.73 -23.00
CA GLN A 26 6.96 -7.52 -23.80
C GLN A 26 5.75 -6.67 -23.48
N ARG A 27 5.95 -5.34 -23.44
CA ARG A 27 4.90 -4.39 -23.15
C ARG A 27 4.80 -3.39 -24.29
N THR A 28 3.55 -3.10 -24.74
CA THR A 28 3.35 -2.18 -25.85
C THR A 28 3.31 -0.74 -25.35
N PRO A 29 3.77 0.22 -26.15
CA PRO A 29 3.87 1.61 -25.66
C PRO A 29 2.53 2.32 -25.63
N LYS A 30 2.32 3.08 -24.55
CA LYS A 30 1.26 4.07 -24.51
C LYS A 30 1.74 5.35 -25.15
N ILE A 31 0.90 5.95 -26.00
CA ILE A 31 1.30 7.06 -26.85
C ILE A 31 0.43 8.27 -26.54
N GLN A 32 1.07 9.44 -26.47
CA GLN A 32 0.36 10.71 -26.32
C GLN A 32 1.01 11.75 -27.21
N VAL A 33 0.19 12.46 -27.98
CA VAL A 33 0.64 13.54 -28.86
C VAL A 33 0.01 14.83 -28.36
N TYR A 34 0.84 15.85 -28.15
CA TYR A 34 0.37 17.09 -27.57
C TYR A 34 1.41 18.18 -27.83
N SER A 35 1.02 19.41 -27.53
CA SER A 35 1.91 20.57 -27.62
C SER A 35 2.38 20.96 -26.23
N ARG A 36 3.51 21.67 -26.19
CA ARG A 36 4.06 22.15 -24.93
C ARG A 36 3.10 23.15 -24.29
N HIS A 37 2.74 24.19 -25.02
CA HIS A 37 1.78 25.20 -24.61
C HIS A 37 0.49 25.06 -25.40
N PRO A 38 -0.60 25.70 -24.95
CA PRO A 38 -1.82 25.69 -25.77
C PRO A 38 -1.57 26.27 -27.15
N ALA A 39 -2.21 25.67 -28.15
CA ALA A 39 -1.93 26.01 -29.53
C ALA A 39 -2.48 27.38 -29.89
N GLU A 40 -1.65 28.20 -30.53
CA GLU A 40 -2.06 29.51 -31.02
C GLU A 40 -1.43 29.72 -32.39
N ASN A 41 -2.26 29.98 -33.39
CA ASN A 41 -1.76 30.11 -34.76
C ASN A 41 -0.75 31.26 -34.84
N GLY A 42 0.38 30.99 -35.50
CA GLY A 42 1.45 31.95 -35.61
C GLY A 42 2.37 32.04 -34.43
N LYS A 43 2.09 31.33 -33.35
CA LYS A 43 2.92 31.36 -32.14
C LYS A 43 3.80 30.13 -32.10
N SER A 44 5.12 30.34 -32.01
CA SER A 44 6.06 29.23 -31.96
C SER A 44 5.78 28.34 -30.76
N ASN A 45 5.85 27.03 -30.98
CA ASN A 45 5.47 26.05 -29.97
C ASN A 45 6.37 24.83 -30.12
N PHE A 46 6.05 23.77 -29.36
CA PHE A 46 6.77 22.51 -29.44
C PHE A 46 5.75 21.38 -29.52
N LEU A 47 5.93 20.49 -30.50
CA LEU A 47 5.07 19.34 -30.67
C LEU A 47 5.74 18.13 -30.03
N ASN A 48 5.06 17.52 -29.06
CA ASN A 48 5.60 16.42 -28.28
C ASN A 48 4.88 15.12 -28.62
N CYS A 49 5.65 14.03 -28.65
CA CYS A 49 5.11 12.67 -28.69
C CYS A 49 5.75 11.90 -27.55
N TYR A 50 4.94 11.51 -26.57
CA TYR A 50 5.41 10.89 -25.34
C TYR A 50 5.02 9.42 -25.36
N VAL A 51 6.02 8.54 -25.52
CA VAL A 51 5.83 7.10 -25.48
C VAL A 51 6.34 6.60 -24.13
N SER A 52 5.62 5.64 -23.55
CA SER A 52 5.95 5.17 -22.21
C SER A 52 5.36 3.79 -22.01
N GLY A 53 5.87 3.12 -20.96
CA GLY A 53 5.34 1.83 -20.58
C GLY A 53 5.65 0.69 -21.51
N PHE A 54 6.70 0.79 -22.31
CA PHE A 54 7.01 -0.22 -23.31
C PHE A 54 8.30 -0.96 -22.96
N HIS A 55 8.40 -2.18 -23.50
CA HIS A 55 9.56 -3.04 -23.35
C HIS A 55 9.55 -4.03 -24.49
N PRO A 56 10.70 -4.28 -25.16
CA PRO A 56 12.02 -3.68 -24.91
C PRO A 56 12.14 -2.23 -25.38
N SER A 57 13.35 -1.68 -25.27
CA SER A 57 13.55 -0.25 -25.48
C SER A 57 13.60 0.14 -26.95
N ASP A 58 13.91 -0.79 -27.84
CA ASP A 58 13.99 -0.46 -29.26
C ASP A 58 12.62 -0.01 -29.77
N ILE A 59 12.57 1.21 -30.31
CA ILE A 59 11.31 1.80 -30.75
C ILE A 59 11.62 2.82 -31.84
N GLU A 60 10.70 2.94 -32.79
CA GLU A 60 10.83 3.88 -33.90
C GLU A 60 9.67 4.87 -33.81
N VAL A 61 10.01 6.15 -33.65
CA VAL A 61 9.02 7.20 -33.45
C VAL A 61 9.24 8.29 -34.48
N ASP A 62 8.21 8.58 -35.28
CA ASP A 62 8.23 9.67 -36.24
C ASP A 62 7.19 10.71 -35.89
N LEU A 63 7.51 11.97 -36.16
CA LEU A 63 6.54 13.06 -36.06
C LEU A 63 6.12 13.44 -37.47
N LEU A 64 4.82 13.40 -37.73
CA LEU A 64 4.29 13.59 -39.07
C LEU A 64 3.66 14.97 -39.21
N LYS A 65 3.88 15.60 -40.36
CA LYS A 65 3.24 16.86 -40.72
C LYS A 65 2.65 16.72 -42.10
N ASN A 66 1.32 16.72 -42.18
CA ASN A 66 0.58 16.63 -43.45
C ASN A 66 1.00 15.38 -44.24
N GLY A 67 1.01 14.24 -43.55
CA GLY A 67 1.37 12.98 -44.18
C GLY A 67 2.81 12.90 -44.62
N GLU A 68 3.72 13.45 -43.84
CA GLU A 68 5.12 13.53 -44.23
C GLU A 68 5.97 13.66 -42.97
N ARG A 69 7.15 13.04 -43.00
CA ARG A 69 8.01 12.98 -41.83
C ARG A 69 8.67 14.33 -41.58
N ILE A 70 8.66 14.76 -40.31
CA ILE A 70 9.38 15.97 -39.91
C ILE A 70 10.86 15.62 -39.74
N GLU A 71 11.73 16.46 -40.30
CA GLU A 71 13.14 16.10 -40.43
C GLU A 71 13.88 16.20 -39.09
N LYS A 72 13.92 17.40 -38.50
CA LYS A 72 14.74 17.64 -37.31
C LYS A 72 13.89 17.36 -36.07
N VAL A 73 13.96 16.12 -35.59
CA VAL A 73 13.21 15.68 -34.42
C VAL A 73 14.20 15.18 -33.38
N GLU A 74 14.14 15.76 -32.19
CA GLU A 74 14.97 15.34 -31.07
C GLU A 74 14.16 14.48 -30.11
N HIS A 75 14.86 13.79 -29.22
CA HIS A 75 14.20 12.98 -28.21
C HIS A 75 15.03 12.97 -26.93
N SER A 76 14.35 12.71 -25.82
CA SER A 76 15.00 12.67 -24.52
C SER A 76 15.86 11.41 -24.39
N ASP A 77 16.66 11.38 -23.34
CA ASP A 77 17.52 10.23 -23.08
C ASP A 77 16.71 9.09 -22.47
N LEU A 78 17.05 7.86 -22.85
CA LEU A 78 16.29 6.70 -22.44
C LEU A 78 16.30 6.53 -20.93
N SER A 79 15.13 6.53 -20.32
CA SER A 79 14.93 6.27 -18.90
C SER A 79 13.80 5.26 -18.75
N PHE A 80 13.56 4.83 -17.50
CA PHE A 80 12.50 3.86 -17.24
C PHE A 80 11.90 4.11 -15.88
N SER A 81 10.75 3.48 -15.64
CA SER A 81 9.97 3.69 -14.43
C SER A 81 10.28 2.60 -13.41
N LYS A 82 9.51 2.56 -12.32
CA LYS A 82 9.76 1.59 -11.27
C LYS A 82 9.50 0.16 -11.75
N ASP A 83 8.56 -0.02 -12.67
CA ASP A 83 8.24 -1.35 -13.20
C ASP A 83 9.15 -1.76 -14.35
N TRP A 84 10.23 -1.01 -14.60
CA TRP A 84 11.27 -1.24 -15.60
C TRP A 84 10.84 -0.88 -17.02
N SER A 85 9.60 -0.46 -17.24
CA SER A 85 9.18 -0.07 -18.58
C SER A 85 9.75 1.28 -18.95
N PHE A 86 10.07 1.45 -20.23
CA PHE A 86 10.78 2.62 -20.72
C PHE A 86 9.81 3.74 -21.10
N TYR A 87 10.34 4.96 -21.13
CA TYR A 87 9.59 6.12 -21.60
C TYR A 87 10.53 7.07 -22.32
N LEU A 88 10.00 7.74 -23.34
CA LEU A 88 10.77 8.66 -24.17
C LEU A 88 9.88 9.82 -24.58
N LEU A 89 10.49 10.99 -24.72
CA LEU A 89 9.79 12.18 -25.22
C LEU A 89 10.44 12.61 -26.53
N TYR A 90 9.69 12.49 -27.62
CA TYR A 90 10.10 12.99 -28.91
C TYR A 90 9.45 14.35 -29.15
N TYR A 91 10.23 15.32 -29.63
CA TYR A 91 9.73 16.68 -29.72
C TYR A 91 10.43 17.43 -30.85
N THR A 92 9.78 18.51 -31.28
CA THR A 92 10.30 19.39 -32.31
C THR A 92 9.60 20.74 -32.19
N GLU A 93 10.30 21.79 -32.61
CA GLU A 93 9.72 23.13 -32.60
C GLU A 93 8.90 23.34 -33.86
N PHE A 94 7.71 23.94 -33.70
CA PHE A 94 6.81 24.13 -34.82
C PHE A 94 5.89 25.32 -34.57
N THR A 95 5.49 25.96 -35.66
CA THR A 95 4.50 27.04 -35.63
C THR A 95 3.21 26.55 -36.26
N PRO A 96 2.20 26.19 -35.48
CA PRO A 96 0.97 25.64 -36.07
C PRO A 96 0.18 26.71 -36.82
N THR A 97 -0.40 26.30 -37.95
CA THR A 97 -1.28 27.13 -38.75
C THR A 97 -2.62 26.41 -38.92
N GLU A 98 -3.52 27.05 -39.66
CA GLU A 98 -4.88 26.52 -39.79
C GLU A 98 -4.89 25.20 -40.56
N LYS A 99 -4.11 25.11 -41.63
CA LYS A 99 -4.19 23.96 -42.52
C LYS A 99 -3.41 22.75 -41.97
N ASP A 100 -2.25 23.01 -41.37
CA ASP A 100 -1.32 21.94 -41.02
C ASP A 100 -1.94 20.97 -40.01
N GLU A 101 -1.70 19.67 -40.25
CA GLU A 101 -2.12 18.61 -39.35
C GLU A 101 -0.91 17.79 -38.94
N TYR A 102 -0.89 17.37 -37.67
CA TYR A 102 0.27 16.70 -37.10
C TYR A 102 -0.15 15.39 -36.45
N ALA A 103 0.80 14.46 -36.39
CA ALA A 103 0.55 13.15 -35.79
C ALA A 103 1.89 12.54 -35.39
N CYS A 104 1.82 11.44 -34.65
CA CYS A 104 2.99 10.69 -34.23
C CYS A 104 2.81 9.23 -34.63
N ARG A 105 3.82 8.68 -35.29
CA ARG A 105 3.82 7.28 -35.70
C ARG A 105 4.86 6.52 -34.89
N VAL A 106 4.44 5.39 -34.31
CA VAL A 106 5.28 4.60 -33.43
C VAL A 106 5.32 3.17 -33.94
N ASN A 107 6.53 2.62 -34.05
CA ASN A 107 6.72 1.22 -34.40
C ASN A 107 7.47 0.51 -33.28
N HIS A 108 7.08 -0.73 -33.01
CA HIS A 108 7.59 -1.47 -31.87
C HIS A 108 7.34 -2.95 -32.11
N VAL A 109 8.15 -3.79 -31.45
CA VAL A 109 8.05 -5.23 -31.65
C VAL A 109 6.67 -5.77 -31.28
N THR A 110 5.94 -5.06 -30.43
CA THR A 110 4.61 -5.50 -30.02
C THR A 110 3.52 -5.14 -31.02
N LEU A 111 3.85 -4.39 -32.07
CA LEU A 111 2.86 -3.88 -33.01
C LEU A 111 2.97 -4.63 -34.33
N SER A 112 1.82 -5.07 -34.86
CA SER A 112 1.79 -5.69 -36.17
C SER A 112 1.97 -4.68 -37.29
N GLN A 113 1.73 -3.39 -37.02
CA GLN A 113 1.99 -2.33 -37.96
C GLN A 113 2.14 -1.03 -37.17
N PRO A 114 2.85 -0.04 -37.71
CA PRO A 114 3.05 1.21 -36.97
C PRO A 114 1.73 1.87 -36.61
N LYS A 115 1.63 2.31 -35.35
CA LYS A 115 0.44 2.98 -34.85
C LYS A 115 0.60 4.49 -35.00
N ILE A 116 -0.45 5.13 -35.52
CA ILE A 116 -0.46 6.58 -35.73
C ILE A 116 -1.46 7.19 -34.76
N VAL A 117 -1.03 8.23 -34.04
CA VAL A 117 -1.88 8.98 -33.13
C VAL A 117 -1.86 10.43 -33.57
N LYS A 118 -3.04 10.99 -33.84
CA LYS A 118 -3.14 12.34 -34.36
C LYS A 118 -3.13 13.37 -33.23
N TRP A 119 -2.63 14.56 -33.54
CA TRP A 119 -2.66 15.68 -32.61
C TRP A 119 -4.00 16.40 -32.73
N ASP A 120 -4.74 16.46 -31.64
CA ASP A 120 -5.98 17.23 -31.59
C ASP A 120 -5.64 18.68 -31.30
N ARG A 121 -5.73 19.54 -32.32
CA ARG A 121 -5.37 20.94 -32.14
C ARG A 121 -6.28 21.62 -31.12
N ASP A 122 -7.57 21.26 -31.13
CA ASP A 122 -8.51 21.82 -30.17
C ASP A 122 -8.89 20.79 -29.11
N GLY A 144 8.70 19.75 0.36
CA GLY A 144 8.43 18.33 0.52
C GLY A 144 9.67 17.46 0.39
N SER A 145 9.45 16.18 0.09
CA SER A 145 10.56 15.24 -0.03
C SER A 145 11.33 15.47 -1.32
N HIS A 146 12.53 14.90 -1.37
CA HIS A 146 13.39 15.00 -2.54
C HIS A 146 14.10 13.67 -2.76
N SER A 147 14.62 13.48 -3.97
CA SER A 147 15.25 12.22 -4.33
C SER A 147 16.30 12.45 -5.40
N MET A 148 17.30 11.58 -5.40
CA MET A 148 18.27 11.48 -6.47
C MET A 148 18.23 10.06 -7.01
N ARG A 149 18.14 9.92 -8.34
CA ARG A 149 18.01 8.62 -8.97
C ARG A 149 18.99 8.51 -10.13
N TYR A 150 19.54 7.31 -10.32
CA TYR A 150 20.39 7.00 -11.46
C TYR A 150 19.85 5.77 -12.16
N PHE A 151 19.66 5.87 -13.48
CA PHE A 151 19.10 4.81 -14.29
C PHE A 151 20.12 4.38 -15.34
N PHE A 152 20.30 3.08 -15.49
CA PHE A 152 21.27 2.51 -16.41
C PHE A 152 20.61 1.44 -17.26
N THR A 153 20.77 1.54 -18.58
CA THR A 153 20.24 0.57 -19.52
C THR A 153 21.33 0.15 -20.49
N SER A 154 21.49 -1.15 -20.67
CA SER A 154 22.44 -1.69 -21.64
C SER A 154 21.73 -2.76 -22.46
N VAL A 155 21.76 -2.62 -23.77
CA VAL A 155 21.07 -3.52 -24.69
C VAL A 155 22.08 -4.12 -25.64
N SER A 156 22.12 -5.44 -25.71
CA SER A 156 23.08 -6.14 -26.56
C SER A 156 22.68 -6.06 -28.02
N ARG A 157 23.67 -5.93 -28.89
CA ARG A 157 23.49 -5.87 -30.34
C ARG A 157 24.43 -6.88 -31.00
N PRO A 158 24.09 -8.16 -30.95
CA PRO A 158 25.02 -9.20 -31.45
C PRO A 158 25.36 -8.98 -32.92
N GLY A 159 26.66 -8.88 -33.19
CA GLY A 159 27.18 -8.59 -34.52
C GLY A 159 27.26 -7.11 -34.82
N ARG A 160 26.23 -6.36 -34.43
CA ARG A 160 26.19 -4.92 -34.69
C ARG A 160 27.18 -4.13 -33.84
N GLY A 161 27.83 -4.78 -32.87
CA GLY A 161 28.87 -4.13 -32.09
C GLY A 161 28.64 -4.32 -30.61
N GLU A 162 29.28 -3.45 -29.83
CA GLU A 162 29.15 -3.49 -28.38
C GLU A 162 27.76 -3.05 -27.95
N PRO A 163 27.32 -3.43 -26.76
CA PRO A 163 25.96 -3.07 -26.32
C PRO A 163 25.77 -1.56 -26.23
N ARG A 164 24.55 -1.13 -26.55
CA ARG A 164 24.17 0.26 -26.39
C ARG A 164 23.92 0.55 -24.91
N PHE A 165 24.69 1.48 -24.34
CA PHE A 165 24.63 1.80 -22.93
C PHE A 165 24.17 3.24 -22.76
N ILE A 166 23.13 3.44 -21.95
CA ILE A 166 22.58 4.77 -21.70
C ILE A 166 22.39 4.93 -20.20
N ALA A 167 22.95 6.00 -19.64
CA ALA A 167 22.84 6.31 -18.22
C ALA A 167 22.27 7.72 -18.07
N VAL A 168 21.33 7.88 -17.15
CA VAL A 168 20.75 9.19 -16.85
C VAL A 168 20.67 9.36 -15.34
N GLY A 169 20.79 10.60 -14.90
CA GLY A 169 20.69 10.96 -13.50
C GLY A 169 19.58 11.98 -13.29
N TYR A 170 18.78 11.75 -12.26
CA TYR A 170 17.64 12.62 -11.94
C TYR A 170 17.76 13.15 -10.52
N VAL A 171 17.41 14.41 -10.34
CA VAL A 171 17.06 14.97 -9.05
C VAL A 171 15.57 15.29 -9.12
N ASP A 172 14.76 14.52 -8.39
CA ASP A 172 13.30 14.60 -8.45
C ASP A 172 12.90 14.28 -9.89
N ASP A 173 12.14 15.16 -10.57
CA ASP A 173 11.73 14.94 -11.95
C ASP A 173 12.54 15.77 -12.93
N THR A 174 13.79 16.09 -12.59
CA THR A 174 14.66 16.90 -13.43
C THR A 174 15.92 16.11 -13.74
N GLN A 175 16.09 15.76 -15.01
CA GLN A 175 17.33 15.14 -15.47
C GLN A 175 18.47 16.15 -15.42
N PHE A 176 19.64 15.72 -14.95
CA PHE A 176 20.79 16.61 -14.87
C PHE A 176 22.07 16.05 -15.46
N VAL A 177 22.18 14.75 -15.71
CA VAL A 177 23.36 14.16 -16.34
C VAL A 177 22.93 13.02 -17.25
N ARG A 178 23.79 12.71 -18.22
CA ARG A 178 23.54 11.60 -19.13
C ARG A 178 24.88 11.03 -19.61
N PHE A 179 24.80 9.82 -20.16
CA PHE A 179 25.91 9.22 -20.88
C PHE A 179 25.34 8.28 -21.93
N ASP A 180 25.86 8.38 -23.15
CA ASP A 180 25.44 7.53 -24.25
C ASP A 180 26.69 6.93 -24.90
N SER A 181 26.76 5.61 -24.96
CA SER A 181 27.93 4.94 -25.50
C SER A 181 28.12 5.20 -26.99
N ASP A 182 27.04 5.52 -27.71
CA ASP A 182 27.14 5.82 -29.13
C ASP A 182 27.42 7.28 -29.43
N ALA A 183 27.33 8.16 -28.42
CA ALA A 183 27.59 9.57 -28.65
C ALA A 183 29.07 9.81 -28.87
N ALA A 184 29.39 11.02 -29.35
CA ALA A 184 30.75 11.32 -29.78
C ALA A 184 31.67 11.64 -28.60
N SER A 185 31.14 12.31 -27.58
CA SER A 185 32.01 12.85 -26.53
C SER A 185 32.64 11.74 -25.69
N GLN A 186 31.93 10.64 -25.45
CA GLN A 186 32.36 9.60 -24.51
C GLN A 186 32.60 10.20 -23.13
N ARG A 187 31.79 11.19 -22.77
CA ARG A 187 31.88 11.88 -21.50
C ARG A 187 30.50 11.93 -20.85
N MET A 188 30.48 12.08 -19.54
CA MET A 188 29.23 12.37 -18.86
C MET A 188 28.85 13.82 -19.14
N GLU A 189 27.62 14.02 -19.61
CA GLU A 189 27.25 15.35 -20.10
C GLU A 189 26.22 15.99 -19.18
N PRO A 190 26.26 17.32 -19.05
CA PRO A 190 25.24 18.01 -18.25
C PRO A 190 23.95 18.20 -19.01
N ARG A 191 22.82 18.08 -18.29
CA ARG A 191 21.50 18.32 -18.84
C ARG A 191 20.71 19.31 -18.00
N ALA A 192 21.34 19.96 -17.03
CA ALA A 192 20.72 20.99 -16.21
C ALA A 192 21.72 22.11 -16.04
N PRO A 193 21.26 23.36 -15.94
CA PRO A 193 22.20 24.47 -15.79
C PRO A 193 23.00 24.43 -14.50
N TRP A 194 22.40 23.95 -13.40
CA TRP A 194 23.06 24.04 -12.10
C TRP A 194 24.19 23.03 -11.94
N ILE A 195 24.25 22.01 -12.80
CA ILE A 195 25.34 21.05 -12.72
C ILE A 195 26.55 21.49 -13.55
N GLU A 196 26.39 22.47 -14.44
CA GLU A 196 27.52 22.97 -15.21
C GLU A 196 28.55 23.67 -14.33
N GLN A 197 28.18 24.02 -13.09
CA GLN A 197 29.12 24.66 -12.18
C GLN A 197 30.32 23.75 -11.91
N GLU A 198 30.07 22.45 -11.79
CA GLU A 198 31.08 21.51 -11.31
C GLU A 198 32.30 21.51 -12.22
N GLY A 199 33.47 21.32 -11.61
CA GLY A 199 34.73 21.44 -12.30
C GLY A 199 35.16 20.16 -12.98
N PRO A 200 36.34 20.20 -13.60
CA PRO A 200 36.82 19.03 -14.35
C PRO A 200 37.00 17.79 -13.48
N GLU A 201 37.37 17.94 -12.21
CA GLU A 201 37.53 16.78 -11.34
C GLU A 201 36.21 16.04 -11.18
N TYR A 202 35.10 16.78 -11.11
CA TYR A 202 33.79 16.15 -11.03
C TYR A 202 33.49 15.34 -12.29
N TRP A 203 33.63 15.98 -13.46
CA TRP A 203 33.24 15.33 -14.71
C TRP A 203 34.18 14.18 -15.04
N ASP A 204 35.46 14.31 -14.74
CA ASP A 204 36.38 13.20 -14.93
C ASP A 204 35.99 12.01 -14.07
N GLY A 205 35.58 12.26 -12.84
CA GLY A 205 35.19 11.16 -11.96
C GLY A 205 33.91 10.48 -12.41
N GLU A 206 32.91 11.28 -12.79
CA GLU A 206 31.65 10.69 -13.25
C GLU A 206 31.84 9.95 -14.57
N THR A 207 32.69 10.48 -15.46
CA THR A 207 32.98 9.77 -16.70
C THR A 207 33.70 8.44 -16.41
N ARG A 208 34.63 8.45 -15.47
CA ARG A 208 35.31 7.21 -15.09
C ARG A 208 34.33 6.19 -14.54
N LYS A 209 33.45 6.62 -13.63
CA LYS A 209 32.54 5.68 -12.99
C LYS A 209 31.51 5.14 -13.97
N VAL A 210 30.99 6.00 -14.85
CA VAL A 210 29.94 5.55 -15.76
C VAL A 210 30.52 4.64 -16.84
N LYS A 211 31.79 4.84 -17.21
CA LYS A 211 32.42 3.93 -18.16
C LYS A 211 32.60 2.55 -17.55
N ALA A 212 32.97 2.49 -16.27
CA ALA A 212 33.07 1.20 -15.59
C ALA A 212 31.69 0.57 -15.40
N HIS A 213 30.65 1.39 -15.23
CA HIS A 213 29.29 0.88 -15.20
C HIS A 213 28.97 0.09 -16.46
N SER A 214 29.22 0.70 -17.63
CA SER A 214 28.89 0.04 -18.89
C SER A 214 29.69 -1.23 -19.09
N GLN A 215 30.98 -1.21 -18.72
CA GLN A 215 31.81 -2.39 -18.89
C GLN A 215 31.33 -3.54 -18.02
N THR A 216 30.78 -3.24 -16.84
CA THR A 216 30.24 -4.29 -15.99
C THR A 216 28.94 -4.85 -16.57
N LEU A 217 28.07 -3.97 -17.07
CA LEU A 217 26.81 -4.44 -17.65
C LEU A 217 27.06 -5.22 -18.94
N ARG A 218 28.11 -4.87 -19.69
CA ARG A 218 28.49 -5.67 -20.85
C ARG A 218 28.83 -7.10 -20.44
N VAL A 219 29.60 -7.24 -19.36
CA VAL A 219 29.93 -8.56 -18.84
C VAL A 219 28.67 -9.27 -18.33
N ASP A 220 27.79 -8.52 -17.65
CA ASP A 220 26.56 -9.10 -17.14
C ASP A 220 25.68 -9.63 -18.26
N LEU A 221 25.67 -8.94 -19.41
CA LEU A 221 24.87 -9.40 -20.54
C LEU A 221 25.36 -10.75 -21.04
N GLY A 222 26.68 -10.88 -21.24
CA GLY A 222 27.22 -12.15 -21.69
C GLY A 222 27.09 -13.24 -20.64
N THR A 223 27.21 -12.86 -19.36
CA THR A 223 27.05 -13.83 -18.28
C THR A 223 25.62 -14.33 -18.19
N LEU A 224 24.65 -13.41 -18.20
CA LEU A 224 23.25 -13.79 -18.05
C LEU A 224 22.75 -14.57 -19.26
N ARG A 225 23.33 -14.35 -20.44
CA ARG A 225 22.93 -15.11 -21.62
C ARG A 225 23.18 -16.60 -21.42
N GLY A 226 24.34 -16.96 -20.85
CA GLY A 226 24.65 -18.36 -20.64
C GLY A 226 23.85 -18.98 -19.52
N CYS A 227 23.61 -18.22 -18.44
CA CYS A 227 22.88 -18.77 -17.30
C CYS A 227 21.45 -19.12 -17.66
N TYR A 228 20.84 -18.37 -18.58
CA TYR A 228 19.48 -18.62 -19.02
C TYR A 228 19.42 -19.45 -20.29
N ASN A 229 20.56 -19.92 -20.79
CA ASN A 229 20.64 -20.81 -21.96
C ASN A 229 19.99 -20.15 -23.18
N GLN A 230 20.46 -18.95 -23.51
CA GLN A 230 19.92 -18.17 -24.60
C GLN A 230 20.91 -18.09 -25.74
N SER A 231 20.38 -17.93 -26.95
CA SER A 231 21.22 -17.92 -28.15
C SER A 231 22.05 -16.64 -28.21
N GLU A 232 23.18 -16.72 -28.93
CA GLU A 232 24.06 -15.56 -29.05
C GLU A 232 23.51 -14.51 -29.99
N ALA A 233 22.51 -14.85 -30.81
CA ALA A 233 22.03 -13.91 -31.81
C ALA A 233 20.97 -12.95 -31.28
N GLY A 234 20.29 -13.31 -30.19
CA GLY A 234 19.21 -12.48 -29.69
C GLY A 234 19.70 -11.27 -28.92
N SER A 235 18.82 -10.27 -28.83
CA SER A 235 19.10 -9.03 -28.13
C SER A 235 18.46 -9.06 -26.75
N HIS A 236 19.21 -8.63 -25.74
CA HIS A 236 18.75 -8.69 -24.35
C HIS A 236 19.11 -7.39 -23.65
N THR A 237 18.47 -7.17 -22.50
CA THR A 237 18.58 -5.91 -21.79
C THR A 237 18.85 -6.15 -20.31
N VAL A 238 19.78 -5.38 -19.75
CA VAL A 238 20.01 -5.31 -18.32
C VAL A 238 19.75 -3.88 -17.88
N GLN A 239 19.08 -3.72 -16.74
CA GLN A 239 18.73 -2.41 -16.21
C GLN A 239 19.17 -2.30 -14.76
N ARG A 240 19.80 -1.18 -14.42
CA ARG A 240 20.26 -0.91 -13.06
C ARG A 240 19.69 0.43 -12.60
N MET A 241 19.20 0.44 -11.36
CA MET A 241 18.64 1.65 -10.76
C MET A 241 19.07 1.73 -9.31
N TYR A 242 19.48 2.91 -8.88
CA TYR A 242 19.74 3.16 -7.46
C TYR A 242 19.56 4.64 -7.17
N GLY A 243 19.40 4.94 -5.89
CA GLY A 243 19.19 6.31 -5.47
C GLY A 243 18.75 6.37 -4.03
N CYS A 244 18.46 7.58 -3.57
CA CYS A 244 18.11 7.82 -2.18
C CYS A 244 17.02 8.88 -2.10
N ASP A 245 16.16 8.73 -1.09
CA ASP A 245 15.12 9.70 -0.79
C ASP A 245 15.45 10.42 0.52
N VAL A 246 15.14 11.72 0.57
CA VAL A 246 15.27 12.50 1.79
C VAL A 246 13.96 13.22 2.04
N GLY A 247 13.68 13.46 3.32
CA GLY A 247 12.49 14.19 3.71
C GLY A 247 12.64 15.69 3.48
N SER A 248 11.64 16.43 3.95
CA SER A 248 11.71 17.88 3.87
C SER A 248 12.86 18.46 4.69
N ASP A 249 13.33 17.71 5.68
CA ASP A 249 14.51 18.09 6.46
C ASP A 249 15.82 17.69 5.80
N TRP A 250 15.76 17.18 4.57
CA TRP A 250 16.94 16.75 3.81
C TRP A 250 17.69 15.61 4.51
N ARG A 251 16.98 14.83 5.32
CA ARG A 251 17.57 13.69 6.02
C ARG A 251 17.09 12.40 5.38
N PHE A 252 17.95 11.38 5.44
CA PHE A 252 17.74 10.15 4.70
C PHE A 252 16.42 9.49 5.09
N LEU A 253 15.69 9.02 4.09
CA LEU A 253 14.46 8.27 4.28
C LEU A 253 14.58 6.83 3.80
N ARG A 254 14.93 6.62 2.54
CA ARG A 254 15.01 5.27 1.98
C ARG A 254 16.06 5.24 0.89
N GLY A 255 16.54 4.03 0.59
CA GLY A 255 17.49 3.82 -0.48
C GLY A 255 17.08 2.65 -1.34
N TYR A 256 17.59 2.66 -2.58
CA TYR A 256 17.25 1.64 -3.56
C TYR A 256 18.51 1.20 -4.30
N HIS A 257 18.49 -0.05 -4.77
CA HIS A 257 19.52 -0.59 -5.65
C HIS A 257 19.04 -1.91 -6.23
N GLN A 258 18.49 -1.88 -7.44
CA GLN A 258 17.83 -3.04 -8.02
C GLN A 258 18.32 -3.26 -9.45
N TYR A 259 18.23 -4.53 -9.88
CA TYR A 259 18.61 -4.95 -11.22
C TYR A 259 17.42 -5.62 -11.90
N ALA A 260 17.45 -5.60 -13.24
CA ALA A 260 16.45 -6.31 -14.03
C ALA A 260 17.11 -6.88 -15.28
N TYR A 261 16.61 -8.04 -15.71
CA TYR A 261 17.05 -8.68 -16.94
C TYR A 261 15.83 -8.91 -17.82
N ASP A 262 15.83 -8.28 -19.00
CA ASP A 262 14.72 -8.37 -19.95
C ASP A 262 13.41 -7.88 -19.32
N GLY A 263 13.49 -6.75 -18.63
CA GLY A 263 12.31 -6.19 -17.98
C GLY A 263 11.75 -6.99 -16.83
N LYS A 264 12.49 -7.98 -16.34
CA LYS A 264 12.05 -8.82 -15.24
C LYS A 264 12.96 -8.60 -14.04
N ASP A 265 12.36 -8.51 -12.85
CA ASP A 265 13.14 -8.35 -11.63
C ASP A 265 14.18 -9.46 -11.51
N TYR A 266 15.41 -9.08 -11.19
CA TYR A 266 16.50 -10.02 -11.03
C TYR A 266 16.97 -10.06 -9.58
N ILE A 267 17.58 -8.98 -9.09
CA ILE A 267 18.00 -8.88 -7.69
C ILE A 267 17.82 -7.44 -7.25
N ALA A 268 17.41 -7.26 -5.99
CA ALA A 268 17.15 -5.94 -5.44
C ALA A 268 17.61 -5.88 -4.00
N LEU A 269 18.09 -4.70 -3.59
CA LEU A 269 18.44 -4.46 -2.21
C LEU A 269 17.19 -4.10 -1.42
N LYS A 270 17.01 -4.75 -0.27
CA LYS A 270 15.82 -4.52 0.54
C LYS A 270 15.94 -3.21 1.31
N GLU A 271 14.81 -2.81 1.91
CA GLU A 271 14.74 -1.48 2.52
C GLU A 271 15.72 -1.31 3.67
N ASP A 272 16.11 -2.41 4.31
CA ASP A 272 17.10 -2.35 5.38
C ASP A 272 18.52 -2.15 4.87
N LEU A 273 18.73 -2.23 3.55
CA LEU A 273 20.04 -2.03 2.94
C LEU A 273 21.08 -3.02 3.46
N ARG A 274 20.63 -4.19 3.91
CA ARG A 274 21.53 -5.21 4.43
C ARG A 274 21.36 -6.57 3.77
N SER A 275 20.19 -6.87 3.21
CA SER A 275 19.93 -8.16 2.59
C SER A 275 19.36 -7.95 1.19
N TRP A 276 19.26 -9.05 0.45
CA TRP A 276 18.89 -9.03 -0.95
C TRP A 276 17.63 -9.83 -1.19
N THR A 277 16.91 -9.46 -2.25
CA THR A 277 15.78 -10.22 -2.76
C THR A 277 16.14 -10.76 -4.13
N ALA A 278 16.22 -12.08 -4.24
CA ALA A 278 16.55 -12.75 -5.50
C ALA A 278 15.28 -13.32 -6.11
N ALA A 279 15.10 -13.10 -7.42
CA ALA A 279 13.85 -13.47 -8.06
C ALA A 279 13.80 -14.94 -8.44
N ASP A 280 14.89 -15.49 -8.98
CA ASP A 280 14.91 -16.87 -9.42
C ASP A 280 16.26 -17.49 -9.07
N MET A 281 16.46 -18.73 -9.54
CA MET A 281 17.64 -19.50 -9.15
C MET A 281 18.93 -18.84 -9.63
N ALA A 282 18.90 -18.18 -10.79
CA ALA A 282 20.10 -17.53 -11.29
C ALA A 282 20.53 -16.38 -10.38
N ALA A 283 19.56 -15.65 -9.81
CA ALA A 283 19.87 -14.55 -8.92
C ALA A 283 20.32 -15.02 -7.54
N GLN A 284 20.01 -16.25 -7.16
CA GLN A 284 20.48 -16.76 -5.87
C GLN A 284 22.00 -16.86 -5.84
N THR A 285 22.61 -17.25 -6.96
CA THR A 285 24.06 -17.30 -7.03
C THR A 285 24.67 -15.91 -6.90
N THR A 286 24.10 -14.94 -7.61
CA THR A 286 24.55 -13.55 -7.47
C THR A 286 24.35 -13.06 -6.05
N LYS A 287 23.24 -13.43 -5.42
CA LYS A 287 22.97 -13.05 -4.04
C LYS A 287 24.06 -13.55 -3.10
N HIS A 288 24.44 -14.83 -3.25
CA HIS A 288 25.46 -15.40 -2.38
C HIS A 288 26.83 -14.78 -2.64
N LYS A 289 27.15 -14.51 -3.90
CA LYS A 289 28.42 -13.87 -4.22
C LYS A 289 28.48 -12.46 -3.66
N TRP A 290 27.35 -11.76 -3.65
CA TRP A 290 27.32 -10.40 -3.12
C TRP A 290 27.28 -10.39 -1.60
N GLU A 291 26.70 -11.42 -0.98
CA GLU A 291 26.77 -11.53 0.47
C GLU A 291 28.19 -11.83 0.94
N ALA A 292 28.89 -12.69 0.21
CA ALA A 292 30.27 -13.03 0.59
C ALA A 292 31.19 -11.83 0.40
N ALA A 293 30.96 -11.03 -0.65
CA ALA A 293 31.77 -9.85 -0.90
C ALA A 293 31.32 -8.63 -0.11
N HIS A 294 30.24 -8.74 0.67
CA HIS A 294 29.71 -7.65 1.47
C HIS A 294 29.44 -6.42 0.63
N VAL A 295 28.71 -6.63 -0.48
CA VAL A 295 28.37 -5.54 -1.38
C VAL A 295 27.38 -4.59 -0.70
N ALA A 296 26.42 -5.14 0.04
CA ALA A 296 25.40 -4.31 0.66
C ALA A 296 25.98 -3.30 1.64
N GLU A 297 27.07 -3.66 2.33
CA GLU A 297 27.71 -2.72 3.23
C GLU A 297 28.24 -1.51 2.47
N GLN A 298 28.84 -1.74 1.32
CA GLN A 298 29.35 -0.61 0.52
C GLN A 298 28.22 0.20 -0.09
N LEU A 299 27.10 -0.45 -0.42
CA LEU A 299 25.96 0.29 -0.96
C LEU A 299 25.29 1.13 0.13
N ARG A 300 25.13 0.56 1.33
CA ARG A 300 24.48 1.30 2.41
C ARG A 300 25.26 2.56 2.76
N ALA A 301 26.59 2.49 2.73
CA ALA A 301 27.41 3.68 2.99
C ALA A 301 27.15 4.74 1.94
N TYR A 302 27.00 4.34 0.68
CA TYR A 302 26.72 5.30 -0.39
C TYR A 302 25.32 5.89 -0.24
N LEU A 303 24.31 5.03 -0.07
CA LEU A 303 22.93 5.49 -0.09
C LEU A 303 22.61 6.36 1.12
N GLU A 304 23.13 5.99 2.30
CA GLU A 304 22.85 6.76 3.50
C GLU A 304 23.74 8.00 3.64
N GLY A 305 24.90 8.00 3.00
CA GLY A 305 25.84 9.09 3.19
C GLY A 305 26.16 9.87 1.93
N THR A 306 26.89 9.26 1.00
CA THR A 306 27.34 9.97 -0.19
C THR A 306 26.15 10.43 -1.03
N CYS A 307 25.16 9.56 -1.23
CA CYS A 307 23.99 9.93 -2.02
C CYS A 307 23.26 11.11 -1.40
N VAL A 308 23.07 11.08 -0.09
CA VAL A 308 22.40 12.18 0.61
C VAL A 308 23.23 13.46 0.50
N GLU A 309 24.55 13.35 0.71
CA GLU A 309 25.41 14.54 0.72
C GLU A 309 25.32 15.31 -0.59
N TRP A 310 25.44 14.59 -1.72
CA TRP A 310 25.46 15.28 -3.01
C TRP A 310 24.07 15.69 -3.46
N LEU A 311 23.02 14.97 -3.02
CA LEU A 311 21.66 15.45 -3.26
C LEU A 311 21.44 16.80 -2.60
N ARG A 312 21.97 16.98 -1.39
CA ARG A 312 21.84 18.26 -0.70
C ARG A 312 22.60 19.36 -1.44
N ARG A 313 23.78 19.03 -1.98
CA ARG A 313 24.52 20.00 -2.77
C ARG A 313 23.75 20.38 -4.03
N TYR A 314 23.16 19.40 -4.71
CA TYR A 314 22.40 19.68 -5.92
C TYR A 314 21.17 20.53 -5.62
N LEU A 315 20.47 20.21 -4.53
CA LEU A 315 19.29 21.00 -4.16
C LEU A 315 19.67 22.45 -3.85
N GLU A 316 20.85 22.65 -3.27
CA GLU A 316 21.30 24.02 -3.00
C GLU A 316 21.73 24.73 -4.26
N ASN A 317 22.56 24.07 -5.09
CA ASN A 317 23.10 24.71 -6.27
C ASN A 317 22.01 25.00 -7.31
N GLY A 318 20.96 24.18 -7.34
CA GLY A 318 19.86 24.41 -8.25
C GLY A 318 18.58 24.75 -7.54
N LYS A 319 18.68 25.57 -6.49
CA LYS A 319 17.49 25.89 -5.69
C LYS A 319 16.46 26.67 -6.50
N GLU A 320 16.90 27.50 -7.44
CA GLU A 320 15.95 28.25 -8.26
C GLU A 320 15.11 27.32 -9.12
N THR A 321 15.65 26.15 -9.48
CA THR A 321 14.98 25.18 -10.32
C THR A 321 14.40 24.00 -9.55
N LEU A 322 15.15 23.46 -8.58
CA LEU A 322 14.72 22.23 -7.92
C LEU A 322 13.78 22.48 -6.75
N GLN A 323 13.82 23.67 -6.13
CA GLN A 323 13.00 23.96 -4.97
C GLN A 323 11.81 24.85 -5.29
N ARG A 324 11.55 25.13 -6.57
CA ARG A 324 10.36 25.84 -6.96
C ARG A 324 9.17 24.90 -6.96
N THR A 325 7.99 25.45 -6.66
CA THR A 325 6.74 24.75 -6.87
C THR A 325 5.90 25.59 -7.84
N ASP A 326 5.35 24.93 -8.85
CA ASP A 326 4.53 25.56 -9.86
C ASP A 326 3.14 24.94 -9.77
N ALA A 327 2.16 25.73 -9.33
CA ALA A 327 0.82 25.20 -9.17
C ALA A 327 0.18 24.94 -10.52
N PRO A 328 -0.62 23.89 -10.67
CA PRO A 328 -1.21 23.57 -11.98
C PRO A 328 -2.25 24.59 -12.39
N LYS A 329 -2.13 25.08 -13.62
CA LYS A 329 -3.21 25.85 -14.24
C LYS A 329 -4.32 24.90 -14.65
N THR A 330 -5.50 25.06 -14.05
CA THR A 330 -6.58 24.10 -14.22
C THR A 330 -7.72 24.70 -15.01
N HIS A 331 -8.42 23.82 -15.74
CA HIS A 331 -9.69 24.14 -16.36
C HIS A 331 -10.38 22.85 -16.75
N MET A 332 -11.57 22.98 -17.32
CA MET A 332 -12.42 21.83 -17.57
C MET A 332 -13.06 21.96 -18.94
N THR A 333 -13.39 20.82 -19.53
CA THR A 333 -14.09 20.79 -20.81
C THR A 333 -15.20 19.73 -20.76
N HIS A 334 -16.27 20.00 -21.50
CA HIS A 334 -17.41 19.11 -21.60
C HIS A 334 -17.47 18.50 -22.99
N HIS A 335 -17.74 17.21 -23.06
CA HIS A 335 -17.81 16.49 -24.32
C HIS A 335 -19.25 16.46 -24.85
N ALA A 336 -19.37 16.37 -26.16
CA ALA A 336 -20.67 16.35 -26.82
C ALA A 336 -21.24 14.93 -26.86
N LEU A 344 -16.98 15.05 -19.60
CA LEU A 344 -16.31 15.87 -18.60
C LEU A 344 -14.84 15.48 -18.47
N ARG A 345 -13.95 16.41 -18.82
CA ARG A 345 -12.50 16.18 -18.77
C ARG A 345 -11.85 17.28 -17.95
N CYS A 346 -11.14 16.88 -16.90
CA CYS A 346 -10.47 17.81 -15.99
C CYS A 346 -9.00 17.91 -16.38
N TRP A 347 -8.51 19.13 -16.58
CA TRP A 347 -7.16 19.37 -17.06
C TRP A 347 -6.29 19.99 -15.98
N ALA A 348 -4.98 19.75 -16.10
CA ALA A 348 -3.98 20.35 -15.22
C ALA A 348 -2.69 20.51 -16.00
N LEU A 349 -2.18 21.75 -16.07
CA LEU A 349 -1.06 22.06 -16.95
C LEU A 349 0.00 22.85 -16.20
N SER A 350 1.26 22.69 -16.66
CA SER A 350 2.37 23.55 -16.27
C SER A 350 2.68 23.47 -14.78
N PHE A 351 2.60 22.27 -14.22
CA PHE A 351 2.85 22.07 -12.80
C PHE A 351 4.14 21.28 -12.57
N TYR A 352 4.76 21.53 -11.42
CA TYR A 352 5.97 20.86 -10.97
C TYR A 352 5.93 20.83 -9.46
N PRO A 353 6.29 19.70 -8.82
CA PRO A 353 6.73 18.45 -9.46
C PRO A 353 5.59 17.67 -10.11
N ALA A 354 5.93 16.53 -10.72
CA ALA A 354 4.94 15.76 -11.45
C ALA A 354 3.92 15.10 -10.55
N GLU A 355 4.22 14.95 -9.26
CA GLU A 355 3.30 14.30 -8.34
C GLU A 355 2.00 15.11 -8.22
N ILE A 356 0.90 14.47 -8.57
CA ILE A 356 -0.40 15.14 -8.58
C ILE A 356 -1.47 14.06 -8.47
N THR A 357 -2.68 14.46 -8.10
CA THR A 357 -3.82 13.54 -8.00
C THR A 357 -5.05 14.21 -8.56
N LEU A 358 -5.70 13.54 -9.51
CA LEU A 358 -6.94 14.01 -10.11
C LEU A 358 -7.99 12.93 -9.94
N THR A 359 -9.04 13.24 -9.17
CA THR A 359 -10.10 12.29 -8.89
C THR A 359 -11.45 12.90 -9.23
N TRP A 360 -12.36 11.99 -9.63
CA TRP A 360 -13.73 12.30 -10.00
C TRP A 360 -14.68 11.83 -8.90
N GLN A 361 -15.68 12.64 -8.59
CA GLN A 361 -16.62 12.30 -7.53
C GLN A 361 -18.04 12.55 -7.99
N ARG A 362 -18.85 11.49 -8.01
CA ARG A 362 -20.28 11.60 -8.31
C ARG A 362 -21.03 11.68 -6.99
N ASP A 363 -21.58 12.87 -6.70
CA ASP A 363 -22.28 13.14 -5.44
C ASP A 363 -21.38 12.91 -4.23
N GLY A 364 -20.08 13.17 -4.38
CA GLY A 364 -19.12 13.02 -3.31
C GLY A 364 -18.46 11.66 -3.23
N GLU A 365 -19.03 10.64 -3.85
CA GLU A 365 -18.45 9.30 -3.84
C GLU A 365 -17.44 9.17 -4.96
N ASP A 366 -16.27 8.62 -4.64
CA ASP A 366 -15.17 8.50 -5.60
C ASP A 366 -15.58 7.56 -6.73
N GLN A 367 -15.79 8.14 -7.92
CA GLN A 367 -16.19 7.36 -9.09
C GLN A 367 -14.93 6.85 -9.78
N THR A 368 -14.45 5.69 -9.33
CA THR A 368 -13.28 5.08 -9.94
C THR A 368 -13.64 4.40 -11.27
N GLN A 369 -14.75 3.68 -11.31
CA GLN A 369 -15.20 3.07 -12.54
C GLN A 369 -15.74 4.14 -13.49
N ASP A 370 -15.62 3.87 -14.79
CA ASP A 370 -15.99 4.83 -15.84
C ASP A 370 -15.21 6.13 -15.69
N THR A 371 -13.89 6.01 -15.55
CA THR A 371 -13.00 7.16 -15.39
C THR A 371 -11.72 6.90 -16.15
N GLU A 372 -11.44 7.75 -17.14
CA GLU A 372 -10.24 7.63 -17.96
C GLU A 372 -9.19 8.59 -17.44
N LEU A 373 -8.14 8.05 -16.81
CA LEU A 373 -7.06 8.84 -16.25
C LEU A 373 -5.82 8.67 -17.13
N VAL A 374 -5.37 9.76 -17.73
CA VAL A 374 -4.21 9.73 -18.62
C VAL A 374 -2.95 9.91 -17.79
N GLU A 375 -1.87 9.25 -18.21
CA GLU A 375 -0.61 9.32 -17.49
C GLU A 375 -0.03 10.72 -17.53
N THR A 376 0.57 11.14 -16.43
CA THR A 376 1.26 12.42 -16.40
C THR A 376 2.36 12.46 -17.45
N ARG A 377 2.51 13.60 -18.11
CA ARG A 377 3.41 13.72 -19.24
C ARG A 377 4.25 14.98 -19.11
N PRO A 378 5.47 14.95 -19.63
CA PRO A 378 6.32 16.15 -19.58
C PRO A 378 5.97 17.11 -20.71
N ALA A 379 5.96 18.41 -20.38
CA ALA A 379 5.75 19.44 -21.39
C ALA A 379 7.00 19.71 -22.21
N GLY A 380 8.17 19.32 -21.70
CA GLY A 380 9.42 19.56 -22.38
C GLY A 380 10.18 20.78 -21.91
N ASP A 381 9.60 21.58 -21.00
CA ASP A 381 10.27 22.76 -20.45
C ASP A 381 10.45 22.65 -18.94
N GLY A 382 10.36 21.44 -18.39
CA GLY A 382 10.48 21.22 -16.96
C GLY A 382 9.16 21.07 -16.24
N THR A 383 8.05 21.38 -16.89
CA THR A 383 6.73 21.28 -16.29
C THR A 383 6.05 20.00 -16.78
N PHE A 384 4.85 19.75 -16.26
CA PHE A 384 4.13 18.51 -16.54
C PHE A 384 2.66 18.80 -16.78
N GLN A 385 1.96 17.79 -17.32
CA GLN A 385 0.56 17.91 -17.69
C GLN A 385 -0.16 16.63 -17.33
N LYS A 386 -1.49 16.73 -17.18
CA LYS A 386 -2.34 15.59 -16.86
C LYS A 386 -3.79 15.97 -17.10
N TRP A 387 -4.59 14.98 -17.45
CA TRP A 387 -6.04 15.16 -17.49
C TRP A 387 -6.73 13.85 -17.15
N ALA A 388 -7.92 13.97 -16.57
CA ALA A 388 -8.77 12.83 -16.25
C ALA A 388 -10.17 13.08 -16.78
N ALA A 389 -10.85 12.01 -17.16
CA ALA A 389 -12.19 12.09 -17.74
C ALA A 389 -13.11 11.11 -17.04
N VAL A 390 -14.37 11.51 -16.91
CA VAL A 390 -15.39 10.67 -16.26
C VAL A 390 -16.27 10.01 -17.30
N GLU A 397 -24.64 16.24 -15.10
CA GLU A 397 -23.28 16.76 -15.21
C GLU A 397 -22.89 17.56 -13.97
N GLN A 398 -23.89 18.20 -13.36
CA GLN A 398 -23.62 19.03 -12.19
C GLN A 398 -23.32 18.20 -10.94
N ARG A 399 -23.68 16.92 -10.95
CA ARG A 399 -23.42 16.07 -9.79
C ARG A 399 -21.95 15.67 -9.66
N TYR A 400 -21.17 15.80 -10.73
CA TYR A 400 -19.78 15.36 -10.72
C TYR A 400 -18.85 16.51 -10.39
N THR A 401 -17.73 16.18 -9.75
CA THR A 401 -16.72 17.17 -9.38
C THR A 401 -15.34 16.55 -9.55
N CYS A 402 -14.38 17.40 -9.95
CA CYS A 402 -12.99 17.00 -10.11
C CYS A 402 -12.17 17.58 -8.97
N HIS A 403 -11.37 16.73 -8.32
CA HIS A 403 -10.54 17.13 -7.19
C HIS A 403 -9.07 17.12 -7.60
N VAL A 404 -8.38 18.22 -7.33
CA VAL A 404 -6.97 18.39 -7.66
C VAL A 404 -6.18 18.49 -6.37
N GLN A 405 -5.16 17.64 -6.24
CA GLN A 405 -4.25 17.66 -5.10
C GLN A 405 -2.83 17.83 -5.61
N HIS A 406 -2.16 18.89 -5.16
CA HIS A 406 -0.81 19.19 -5.60
C HIS A 406 -0.09 19.94 -4.51
N GLU A 407 1.22 19.72 -4.42
CA GLU A 407 2.02 20.38 -3.38
C GLU A 407 2.04 21.89 -3.56
N GLY A 408 1.98 22.37 -4.79
CA GLY A 408 1.99 23.80 -5.03
C GLY A 408 0.69 24.50 -4.74
N LEU A 409 -0.38 23.75 -4.47
CA LEU A 409 -1.68 24.34 -4.16
C LEU A 409 -1.80 24.58 -2.67
N PRO A 410 -2.22 25.77 -2.25
CA PRO A 410 -2.49 25.99 -0.81
C PRO A 410 -3.48 24.99 -0.26
N LYS A 411 -4.62 24.81 -0.92
CA LYS A 411 -5.63 23.84 -0.54
C LYS A 411 -6.13 23.13 -1.80
N PRO A 412 -6.58 21.88 -1.66
CA PRO A 412 -7.08 21.15 -2.83
C PRO A 412 -8.24 21.89 -3.49
N LEU A 413 -8.28 21.80 -4.83
CA LEU A 413 -9.27 22.50 -5.63
C LEU A 413 -10.39 21.55 -6.04
N THR A 414 -11.59 22.11 -6.19
CA THR A 414 -12.76 21.38 -6.67
C THR A 414 -13.31 22.10 -7.90
N LEU A 415 -13.56 21.33 -8.95
CA LEU A 415 -14.04 21.87 -10.22
C LEU A 415 -15.39 21.26 -10.56
N ARG A 416 -16.31 22.09 -11.02
CA ARG A 416 -17.66 21.65 -11.35
C ARG A 416 -18.10 22.29 -12.66
N TRP A 417 -19.01 21.61 -13.35
CA TRP A 417 -19.52 22.09 -14.63
C TRP A 417 -20.41 23.32 -14.43
N GLU B 1 -11.66 4.14 -49.29
CA GLU B 1 -11.60 5.20 -50.28
C GLU B 1 -10.39 5.03 -51.20
N VAL B 2 -9.21 4.96 -50.59
CA VAL B 2 -7.96 4.84 -51.33
C VAL B 2 -7.65 3.36 -51.53
N LYS B 3 -7.24 3.01 -52.75
CA LYS B 3 -6.81 1.66 -53.09
C LYS B 3 -5.38 1.70 -53.59
N LEU B 4 -4.54 0.79 -53.07
CA LEU B 4 -3.14 0.68 -53.46
C LEU B 4 -2.97 -0.59 -54.29
N VAL B 5 -2.50 -0.45 -55.52
CA VAL B 5 -2.30 -1.56 -56.43
C VAL B 5 -0.81 -1.87 -56.47
N GLU B 6 -0.44 -3.08 -56.06
CA GLU B 6 0.95 -3.49 -55.96
C GLU B 6 1.28 -4.51 -57.04
N SER B 7 2.55 -4.51 -57.45
CA SER B 7 3.05 -5.48 -58.44
C SER B 7 4.56 -5.46 -58.40
N GLY B 8 5.16 -6.49 -58.99
CA GLY B 8 6.60 -6.55 -59.18
C GLY B 8 7.36 -7.50 -58.28
N GLY B 9 6.67 -8.29 -57.46
CA GLY B 9 7.32 -9.22 -56.56
C GLY B 9 7.64 -10.54 -57.24
N GLY B 10 7.98 -11.52 -56.40
CA GLY B 10 8.21 -12.87 -56.89
C GLY B 10 9.51 -13.49 -56.44
N LEU B 11 10.00 -14.45 -57.22
CA LEU B 11 11.21 -15.19 -56.92
C LEU B 11 12.40 -14.58 -57.65
N VAL B 12 13.55 -14.56 -56.97
CA VAL B 12 14.76 -13.99 -57.54
C VAL B 12 15.97 -14.71 -56.93
N GLN B 13 17.06 -14.79 -57.70
CA GLN B 13 18.28 -15.41 -57.22
C GLN B 13 19.08 -14.42 -56.36
N PRO B 14 19.92 -14.94 -55.47
CA PRO B 14 20.79 -14.05 -54.68
C PRO B 14 21.67 -13.20 -55.59
N GLY B 15 21.76 -11.91 -55.27
CA GLY B 15 22.43 -10.95 -56.11
C GLY B 15 21.55 -10.33 -57.17
N GLY B 16 20.40 -10.93 -57.46
CA GLY B 16 19.49 -10.40 -58.45
C GLY B 16 18.74 -9.18 -57.94
N SER B 17 17.75 -8.77 -58.73
CA SER B 17 17.01 -7.55 -58.44
C SER B 17 15.53 -7.73 -58.74
N LEU B 18 14.73 -6.90 -58.09
CA LEU B 18 13.30 -6.79 -58.36
C LEU B 18 12.93 -5.31 -58.33
N ARG B 19 11.85 -4.98 -59.02
CA ARG B 19 11.31 -3.62 -59.04
C ARG B 19 9.85 -3.68 -58.61
N LEU B 20 9.57 -3.29 -57.37
CA LEU B 20 8.20 -3.20 -56.91
C LEU B 20 7.57 -1.90 -57.37
N SER B 21 6.26 -1.93 -57.57
CA SER B 21 5.51 -0.76 -57.98
C SER B 21 4.23 -0.67 -57.16
N CYS B 22 3.84 0.56 -56.81
CA CYS B 22 2.64 0.79 -56.02
C CYS B 22 1.94 2.04 -56.54
N ALA B 23 0.71 1.88 -57.02
CA ALA B 23 -0.08 2.97 -57.54
C ALA B 23 -1.27 3.22 -56.63
N ALA B 24 -1.49 4.48 -56.28
CA ALA B 24 -2.61 4.87 -55.42
C ALA B 24 -3.77 5.35 -56.28
N SER B 25 -4.98 4.93 -55.91
CA SER B 25 -6.18 5.36 -56.61
C SER B 25 -6.73 6.62 -55.97
N GLY B 26 -7.76 7.18 -56.60
CA GLY B 26 -8.38 8.39 -56.08
C GLY B 26 -7.65 9.65 -56.53
N SER B 27 -7.90 10.72 -55.79
CA SER B 27 -7.34 12.02 -56.13
C SER B 27 -5.84 12.06 -55.86
N ILE B 28 -5.14 12.92 -56.61
CA ILE B 28 -3.71 13.10 -56.37
C ILE B 28 -3.48 13.85 -55.06
N PHE B 29 -4.44 14.67 -54.64
CA PHE B 29 -4.36 15.38 -53.37
C PHE B 29 -4.83 14.53 -52.19
N SER B 30 -4.89 13.21 -52.36
CA SER B 30 -5.35 12.32 -51.32
C SER B 30 -4.23 11.54 -50.63
N ILE B 31 -3.03 11.52 -51.21
CA ILE B 31 -1.91 10.75 -50.67
C ILE B 31 -0.64 11.58 -50.76
N ASN B 32 0.11 11.62 -49.67
CA ASN B 32 1.41 12.27 -49.65
C ASN B 32 2.52 11.22 -49.66
N THR B 33 3.01 10.85 -48.47
CA THR B 33 4.09 9.89 -48.38
C THR B 33 3.63 8.51 -48.83
N MET B 34 4.46 7.86 -49.66
CA MET B 34 4.23 6.50 -50.12
C MET B 34 5.51 5.70 -49.91
N GLY B 35 5.36 4.43 -49.55
CA GLY B 35 6.52 3.61 -49.33
C GLY B 35 6.17 2.18 -48.99
N TRP B 36 7.17 1.47 -48.46
CA TRP B 36 7.06 0.04 -48.22
C TRP B 36 7.55 -0.31 -46.81
N TYR B 37 6.79 -1.18 -46.14
CA TYR B 37 7.26 -1.92 -44.98
C TYR B 37 7.32 -3.40 -45.36
N ARG B 38 8.08 -4.17 -44.58
CA ARG B 38 8.21 -5.59 -44.86
C ARG B 38 8.05 -6.40 -43.58
N GLN B 39 7.43 -7.57 -43.72
CA GLN B 39 7.09 -8.41 -42.58
C GLN B 39 8.34 -9.04 -41.99
N THR B 40 8.58 -8.80 -40.69
CA THR B 40 9.66 -9.46 -39.99
C THR B 40 9.25 -10.91 -39.70
N PRO B 41 10.20 -11.75 -39.28
CA PRO B 41 9.81 -13.12 -38.89
C PRO B 41 8.74 -13.16 -37.82
N GLY B 42 8.78 -12.25 -36.86
CA GLY B 42 7.78 -12.22 -35.80
C GLY B 42 6.55 -11.42 -36.16
N LYS B 43 6.10 -10.59 -35.23
CA LYS B 43 4.86 -9.83 -35.39
C LYS B 43 5.06 -8.55 -36.21
N GLN B 44 6.24 -7.96 -36.11
CA GLN B 44 6.48 -6.59 -36.55
C GLN B 44 6.72 -6.52 -38.05
N ARG B 45 6.46 -5.35 -38.63
CA ARG B 45 6.89 -5.01 -39.97
C ARG B 45 7.84 -3.82 -39.92
N ASP B 46 8.92 -3.89 -40.69
CA ASP B 46 10.01 -2.94 -40.61
C ASP B 46 10.01 -2.02 -41.83
N LEU B 47 10.46 -0.79 -41.62
CA LEU B 47 10.50 0.19 -42.70
C LEU B 47 11.56 -0.20 -43.73
N VAL B 48 11.17 -0.19 -45.00
CA VAL B 48 12.10 -0.44 -46.10
C VAL B 48 12.51 0.89 -46.71
N ALA B 49 11.53 1.60 -47.27
CA ALA B 49 11.78 2.89 -47.91
C ALA B 49 10.44 3.58 -48.15
N ASP B 50 10.43 4.90 -47.99
CA ASP B 50 9.28 5.69 -48.37
C ASP B 50 9.75 7.03 -48.91
N ILE B 51 8.83 7.74 -49.56
CA ILE B 51 9.16 9.00 -50.21
C ILE B 51 7.94 9.91 -50.15
N SER B 52 8.19 11.18 -49.84
CA SER B 52 7.13 12.17 -49.85
C SER B 52 6.84 12.61 -51.28
N SER B 53 5.71 13.30 -51.45
CA SER B 53 5.36 13.81 -52.78
C SER B 53 6.40 14.82 -53.27
N GLY B 54 7.06 15.52 -52.35
CA GLY B 54 8.15 16.40 -52.72
C GLY B 54 9.46 15.71 -53.01
N GLY B 55 9.53 14.40 -52.78
CA GLY B 55 10.73 13.63 -53.08
C GLY B 55 11.66 13.38 -51.91
N SER B 56 11.20 13.59 -50.67
CA SER B 56 12.03 13.36 -49.50
C SER B 56 12.00 11.88 -49.13
N THR B 57 13.17 11.24 -49.10
CA THR B 57 13.27 9.80 -48.94
C THR B 57 13.80 9.43 -47.56
N LYS B 58 13.51 8.20 -47.15
CA LYS B 58 14.02 7.61 -45.92
C LYS B 58 14.13 6.12 -46.13
N TYR B 59 15.25 5.54 -45.71
CA TYR B 59 15.54 4.13 -45.91
C TYR B 59 15.82 3.44 -44.58
N GLY B 60 15.38 2.19 -44.47
CA GLY B 60 15.80 1.37 -43.35
C GLY B 60 17.28 1.03 -43.45
N ASP B 61 17.89 0.80 -42.28
CA ASP B 61 19.33 0.61 -42.23
C ASP B 61 19.77 -0.61 -43.02
N SER B 62 18.97 -1.67 -43.00
CA SER B 62 19.38 -2.94 -43.61
C SER B 62 19.31 -2.93 -45.13
N VAL B 63 18.72 -1.90 -45.74
CA VAL B 63 18.61 -1.81 -47.19
C VAL B 63 19.27 -0.57 -47.77
N LYS B 64 19.91 0.25 -46.93
CA LYS B 64 20.55 1.46 -47.42
C LYS B 64 21.68 1.11 -48.38
N GLY B 65 21.75 1.85 -49.49
CA GLY B 65 22.75 1.62 -50.52
C GLY B 65 22.31 0.63 -51.59
N ARG B 66 21.49 -0.35 -51.25
CA ARG B 66 21.03 -1.35 -52.19
C ARG B 66 19.66 -1.02 -52.77
N PHE B 67 18.74 -0.51 -51.96
CA PHE B 67 17.39 -0.21 -52.40
C PHE B 67 17.27 1.27 -52.73
N THR B 68 16.49 1.58 -53.76
CA THR B 68 16.26 2.96 -54.17
C THR B 68 14.79 3.14 -54.48
N ILE B 69 14.15 4.09 -53.81
CA ILE B 69 12.75 4.42 -54.07
C ILE B 69 12.69 5.66 -54.94
N SER B 70 11.72 5.69 -55.85
CA SER B 70 11.53 6.81 -56.76
C SER B 70 10.04 7.07 -56.90
N ARG B 71 9.69 8.16 -57.55
CA ARG B 71 8.29 8.58 -57.62
C ARG B 71 8.01 9.28 -58.94
N ASP B 72 6.99 8.81 -59.65
CA ASP B 72 6.40 9.51 -60.79
C ASP B 72 5.20 10.25 -60.22
N ASN B 73 5.42 11.49 -59.78
CA ASN B 73 4.42 12.23 -59.02
C ASN B 73 3.30 12.79 -59.88
N THR B 74 3.17 12.34 -61.14
CA THR B 74 1.97 12.66 -61.90
C THR B 74 0.84 11.70 -61.58
N LYS B 75 1.17 10.48 -61.16
CA LYS B 75 0.20 9.41 -61.01
C LYS B 75 0.14 8.84 -59.60
N ASN B 76 0.86 9.43 -58.64
CA ASN B 76 1.01 8.88 -57.29
C ASN B 76 1.38 7.40 -57.35
N THR B 77 2.41 7.11 -58.13
CA THR B 77 2.99 5.77 -58.23
C THR B 77 4.44 5.84 -57.80
N VAL B 78 4.83 4.94 -56.91
CA VAL B 78 6.21 4.86 -56.42
C VAL B 78 6.80 3.53 -56.85
N TYR B 79 8.12 3.54 -57.05
CA TYR B 79 8.86 2.36 -57.48
C TYR B 79 9.98 2.08 -56.50
N LEU B 80 10.15 0.81 -56.14
CA LEU B 80 11.23 0.39 -55.26
C LEU B 80 12.18 -0.51 -56.06
N GLN B 81 13.36 0.00 -56.35
CA GLN B 81 14.40 -0.76 -57.06
C GLN B 81 15.22 -1.50 -56.01
N MET B 82 15.04 -2.82 -55.95
CA MET B 82 15.69 -3.66 -54.95
C MET B 82 16.87 -4.36 -55.61
N ASN B 83 18.08 -3.90 -55.31
CA ASN B 83 19.29 -4.49 -55.87
C ASN B 83 20.00 -5.35 -54.83
N SER B 84 20.85 -6.25 -55.33
CA SER B 84 21.75 -7.06 -54.50
C SER B 84 20.98 -7.81 -53.42
N LEU B 85 19.92 -8.50 -53.84
CA LEU B 85 19.02 -9.13 -52.88
C LEU B 85 19.68 -10.35 -52.23
N LYS B 86 19.36 -10.55 -50.96
CA LYS B 86 19.87 -11.62 -50.14
C LYS B 86 18.71 -12.47 -49.61
N PRO B 87 18.99 -13.69 -49.15
CA PRO B 87 17.91 -14.49 -48.52
C PRO B 87 17.23 -13.79 -47.36
N GLU B 88 17.95 -12.94 -46.62
CA GLU B 88 17.35 -12.22 -45.50
C GLU B 88 16.40 -11.11 -45.94
N ASP B 89 16.35 -10.80 -47.23
CA ASP B 89 15.36 -9.86 -47.74
C ASP B 89 14.02 -10.52 -48.02
N THR B 90 13.93 -11.84 -47.90
CA THR B 90 12.69 -12.56 -48.15
C THR B 90 11.63 -12.16 -47.13
N ALA B 91 10.51 -11.64 -47.62
CA ALA B 91 9.41 -11.20 -46.76
C ALA B 91 8.24 -10.80 -47.65
N VAL B 92 7.12 -10.48 -47.02
CA VAL B 92 6.01 -9.82 -47.67
C VAL B 92 6.22 -8.31 -47.54
N TYR B 93 6.29 -7.62 -48.67
CA TYR B 93 6.53 -6.18 -48.69
C TYR B 93 5.19 -5.47 -48.85
N TYR B 94 4.80 -4.71 -47.82
CA TYR B 94 3.53 -4.00 -47.80
C TYR B 94 3.74 -2.57 -48.27
N CYS B 95 3.06 -2.19 -49.35
CA CYS B 95 2.98 -0.79 -49.72
C CYS B 95 2.09 -0.03 -48.73
N TYR B 96 2.39 1.25 -48.55
CA TYR B 96 1.57 2.09 -47.69
C TYR B 96 1.59 3.51 -48.19
N GLY B 97 0.61 4.28 -47.73
CA GLY B 97 0.51 5.68 -48.09
C GLY B 97 -0.09 6.48 -46.95
N LEU B 98 0.29 7.76 -46.89
CA LEU B 98 -0.22 8.68 -45.89
C LEU B 98 -0.99 9.79 -46.56
N SER B 99 -2.23 9.99 -46.13
CA SER B 99 -2.99 11.15 -46.57
C SER B 99 -2.40 12.42 -45.96
N TYR B 100 -2.77 13.57 -46.52
CA TYR B 100 -2.32 14.83 -45.95
C TYR B 100 -2.96 15.13 -44.60
N SER B 101 -3.86 14.27 -44.12
CA SER B 101 -4.38 14.34 -42.76
C SER B 101 -3.80 13.23 -41.89
N ASN B 102 -2.72 12.59 -42.34
CA ASN B 102 -2.01 11.56 -41.58
C ASN B 102 -2.85 10.30 -41.37
N ASP B 103 -3.69 9.96 -42.35
CA ASP B 103 -4.36 8.67 -42.37
C ASP B 103 -3.52 7.69 -43.18
N ASP B 104 -3.30 6.50 -42.63
CA ASP B 104 -2.48 5.50 -43.27
C ASP B 104 -3.34 4.49 -44.02
N TYR B 105 -2.89 4.13 -45.22
CA TYR B 105 -3.53 3.11 -46.04
C TYR B 105 -2.49 2.04 -46.37
N TRP B 106 -2.92 0.79 -46.38
CA TRP B 106 -2.01 -0.34 -46.54
C TRP B 106 -2.48 -1.26 -47.66
N GLY B 107 -1.52 -1.69 -48.49
CA GLY B 107 -1.82 -2.67 -49.51
C GLY B 107 -1.81 -4.09 -48.96
N GLN B 108 -2.22 -5.02 -49.82
CA GLN B 108 -2.24 -6.43 -49.41
C GLN B 108 -0.84 -6.99 -49.25
N GLY B 109 0.13 -6.45 -49.96
CA GLY B 109 1.50 -6.91 -49.89
C GLY B 109 1.86 -7.82 -51.06
N THR B 110 3.16 -7.90 -51.33
CA THR B 110 3.70 -8.76 -52.38
C THR B 110 4.84 -9.59 -51.80
N GLN B 111 4.73 -10.91 -51.92
CA GLN B 111 5.78 -11.80 -51.45
C GLN B 111 7.03 -11.62 -52.29
N VAL B 112 8.18 -11.52 -51.62
CA VAL B 112 9.49 -11.49 -52.27
C VAL B 112 10.31 -12.62 -51.67
N THR B 113 10.81 -13.51 -52.53
CA THR B 113 11.60 -14.65 -52.09
C THR B 113 12.92 -14.66 -52.84
N VAL B 114 14.03 -14.74 -52.10
CA VAL B 114 15.36 -14.82 -52.66
C VAL B 114 15.92 -16.19 -52.34
N SER B 115 16.27 -16.95 -53.39
CA SER B 115 16.76 -18.32 -53.25
C SER B 115 17.93 -18.44 -52.29
N TYR C 1 -3.23 16.72 26.37
CA TYR C 1 -4.03 17.93 26.15
C TYR C 1 -4.99 17.70 24.99
N MET C 2 -6.29 17.68 25.31
CA MET C 2 -7.30 17.31 24.33
C MET C 2 -7.71 18.50 23.47
N LEU C 3 -8.42 18.17 22.40
CA LEU C 3 -8.98 19.17 21.49
C LEU C 3 -10.18 19.85 22.14
N ASP C 4 -10.19 21.18 22.12
CA ASP C 4 -11.28 21.95 22.71
C ASP C 4 -12.39 22.25 21.73
N LEU C 5 -12.65 21.34 20.79
CA LEU C 5 -13.70 21.55 19.79
C LEU C 5 -14.37 20.23 19.46
N GLN C 6 -15.68 20.18 19.66
CA GLN C 6 -16.49 18.98 19.45
C GLN C 6 -17.53 19.29 18.39
N PRO C 7 -17.19 19.17 17.11
CA PRO C 7 -18.17 19.44 16.06
C PRO C 7 -19.16 18.28 15.94
N GLU C 8 -20.44 18.63 15.88
CA GLU C 8 -21.48 17.63 15.72
C GLU C 8 -21.56 17.17 14.27
N THR C 9 -22.02 15.93 14.10
CA THR C 9 -22.27 15.40 12.76
C THR C 9 -23.68 15.76 12.32
N GLY C 10 -23.85 15.93 11.01
CA GLY C 10 -25.12 16.38 10.48
C GLY C 10 -25.98 15.28 9.90
N CYS C 11 -25.53 14.69 8.80
CA CYS C 11 -26.27 13.71 8.01
C CYS C 11 -27.77 14.02 7.92
N ILE C 25 -21.27 -5.10 10.07
CA ILE C 25 -19.87 -5.52 10.04
C ILE C 25 -19.40 -5.86 11.45
N GLN C 26 -19.45 -7.14 11.80
CA GLN C 26 -19.02 -7.62 13.10
C GLN C 26 -17.73 -8.42 12.95
N ARG C 27 -16.83 -8.29 13.92
CA ARG C 27 -15.55 -8.98 13.91
C ARG C 27 -15.40 -9.78 15.21
N THR C 28 -14.97 -11.05 15.07
CA THR C 28 -14.82 -11.90 16.24
C THR C 28 -13.46 -11.68 16.90
N PRO C 29 -13.37 -11.82 18.21
CA PRO C 29 -12.12 -11.49 18.91
C PRO C 29 -11.06 -12.56 18.75
N LYS C 30 -9.82 -12.11 18.57
CA LYS C 30 -8.66 -12.98 18.70
C LYS C 30 -8.26 -13.04 20.16
N ILE C 31 -8.00 -14.24 20.67
CA ILE C 31 -7.83 -14.48 22.10
C ILE C 31 -6.43 -15.02 22.34
N GLN C 32 -5.77 -14.52 23.39
CA GLN C 32 -4.48 -15.03 23.83
C GLN C 32 -4.46 -15.07 25.35
N VAL C 33 -4.05 -16.21 25.90
CA VAL C 33 -3.89 -16.40 27.34
C VAL C 33 -2.42 -16.64 27.62
N TYR C 34 -1.87 -15.87 28.55
CA TYR C 34 -0.43 -15.93 28.81
C TYR C 34 -0.16 -15.29 30.17
N SER C 35 1.07 -15.48 30.64
CA SER C 35 1.55 -14.86 31.86
C SER C 35 2.44 -13.67 31.54
N ARG C 36 2.54 -12.74 32.49
CA ARG C 36 3.40 -11.59 32.31
C ARG C 36 4.86 -12.00 32.16
N HIS C 37 5.36 -12.77 33.11
CA HIS C 37 6.70 -13.33 33.11
C HIS C 37 6.64 -14.84 32.87
N PRO C 38 7.76 -15.47 32.54
CA PRO C 38 7.77 -16.93 32.44
C PRO C 38 7.35 -17.57 33.76
N ALA C 39 6.56 -18.64 33.65
CA ALA C 39 5.92 -19.25 34.81
C ALA C 39 6.92 -20.01 35.65
N GLU C 40 6.88 -19.80 36.96
CA GLU C 40 7.71 -20.51 37.92
C GLU C 40 6.87 -20.83 39.14
N ASN C 41 6.87 -22.10 39.55
CA ASN C 41 6.06 -22.53 40.69
C ASN C 41 6.46 -21.77 41.94
N GLY C 42 5.46 -21.23 42.63
CA GLY C 42 5.68 -20.47 43.84
C GLY C 42 6.06 -19.02 43.64
N LYS C 43 6.26 -18.58 42.41
CA LYS C 43 6.65 -17.20 42.11
C LYS C 43 5.41 -16.42 41.69
N SER C 44 5.14 -15.32 42.39
CA SER C 44 4.00 -14.48 42.05
C SER C 44 4.12 -13.97 40.61
N ASN C 45 3.01 -13.96 39.90
CA ASN C 45 2.98 -13.61 38.50
C ASN C 45 1.66 -12.91 38.19
N PHE C 46 1.39 -12.72 36.90
CA PHE C 46 0.14 -12.13 36.45
C PHE C 46 -0.38 -12.95 35.27
N LEU C 47 -1.63 -13.39 35.36
CA LEU C 47 -2.27 -14.14 34.29
C LEU C 47 -3.07 -13.17 33.42
N ASN C 48 -2.73 -13.13 32.13
CA ASN C 48 -3.34 -12.19 31.20
C ASN C 48 -4.23 -12.91 30.19
N CYS C 49 -5.32 -12.25 29.82
CA CYS C 49 -6.14 -12.66 28.69
C CYS C 49 -6.32 -11.44 27.79
N TYR C 50 -5.74 -11.50 26.60
CA TYR C 50 -5.72 -10.37 25.67
C TYR C 50 -6.68 -10.67 24.53
N VAL C 51 -7.77 -9.90 24.46
CA VAL C 51 -8.74 -9.98 23.37
C VAL C 51 -8.54 -8.76 22.47
N SER C 52 -8.59 -8.98 21.17
CA SER C 52 -8.32 -7.90 20.23
C SER C 52 -9.01 -8.20 18.90
N GLY C 53 -9.18 -7.14 18.12
CA GLY C 53 -9.73 -7.29 16.77
C GLY C 53 -11.21 -7.57 16.70
N PHE C 54 -11.97 -7.20 17.73
CA PHE C 54 -13.39 -7.51 17.78
C PHE C 54 -14.24 -6.24 17.66
N HIS C 55 -15.47 -6.44 17.22
CA HIS C 55 -16.48 -5.40 17.07
C HIS C 55 -17.85 -6.06 17.06
N PRO C 56 -18.84 -5.55 17.81
CA PRO C 56 -18.77 -4.36 18.67
C PRO C 56 -17.99 -4.58 19.97
N SER C 57 -17.98 -3.55 20.82
CA SER C 57 -17.11 -3.55 21.99
C SER C 57 -17.66 -4.39 23.15
N ASP C 58 -18.95 -4.67 23.17
CA ASP C 58 -19.52 -5.48 24.26
C ASP C 58 -18.94 -6.88 24.23
N ILE C 59 -18.34 -7.29 25.34
CA ILE C 59 -17.65 -8.57 25.43
C ILE C 59 -17.62 -9.00 26.88
N GLU C 60 -17.71 -10.31 27.11
CA GLU C 60 -17.64 -10.89 28.45
C GLU C 60 -16.43 -11.79 28.53
N VAL C 61 -15.52 -11.48 29.45
CA VAL C 61 -14.25 -12.18 29.57
C VAL C 61 -14.09 -12.65 31.02
N ASP C 62 -13.97 -13.95 31.21
CA ASP C 62 -13.71 -14.55 32.52
C ASP C 62 -12.36 -15.23 32.52
N LEU C 63 -11.65 -15.11 33.65
CA LEU C 63 -10.45 -15.88 33.90
C LEU C 63 -10.82 -17.05 34.80
N LEU C 64 -10.50 -18.27 34.35
CA LEU C 64 -10.92 -19.49 35.03
C LEU C 64 -9.74 -20.13 35.74
N LYS C 65 -9.99 -20.63 36.95
CA LYS C 65 -9.01 -21.40 37.72
C LYS C 65 -9.68 -22.68 38.19
N ASN C 66 -9.26 -23.81 37.61
CA ASN C 66 -9.77 -25.13 37.98
C ASN C 66 -11.29 -25.21 37.82
N GLY C 67 -11.76 -24.79 36.64
CA GLY C 67 -13.17 -24.84 36.33
C GLY C 67 -14.03 -23.91 37.16
N GLU C 68 -13.51 -22.74 37.49
CA GLU C 68 -14.18 -21.81 38.40
C GLU C 68 -13.70 -20.40 38.09
N ARG C 69 -14.60 -19.44 38.26
CA ARG C 69 -14.30 -18.06 37.92
C ARG C 69 -13.41 -17.42 38.98
N ILE C 70 -12.35 -16.75 38.54
CA ILE C 70 -11.49 -15.99 39.43
C ILE C 70 -12.19 -14.68 39.79
N GLU C 71 -12.20 -14.35 41.07
CA GLU C 71 -13.06 -13.27 41.56
C GLU C 71 -12.52 -11.91 41.17
N LYS C 72 -11.33 -11.56 41.67
CA LYS C 72 -10.78 -10.22 41.49
C LYS C 72 -10.01 -10.17 40.18
N VAL C 73 -10.69 -9.79 39.11
CA VAL C 73 -10.11 -9.68 37.77
C VAL C 73 -10.31 -8.25 37.29
N GLU C 74 -9.22 -7.58 36.96
CA GLU C 74 -9.25 -6.23 36.42
C GLU C 74 -9.04 -6.26 34.91
N HIS C 75 -9.32 -5.13 34.27
CA HIS C 75 -9.12 -5.02 32.83
C HIS C 75 -8.74 -3.61 32.46
N SER C 76 -8.06 -3.48 31.33
CA SER C 76 -7.62 -2.19 30.83
C SER C 76 -8.81 -1.40 30.30
N ASP C 77 -8.58 -0.10 30.06
CA ASP C 77 -9.61 0.76 29.52
C ASP C 77 -9.80 0.49 28.03
N LEU C 78 -11.04 0.57 27.57
CA LEU C 78 -11.37 0.24 26.19
C LEU C 78 -10.65 1.18 25.23
N SER C 79 -9.88 0.60 24.31
CA SER C 79 -9.23 1.34 23.24
C SER C 79 -9.43 0.56 21.95
N PHE C 80 -8.98 1.12 20.83
CA PHE C 80 -9.14 0.45 19.54
C PHE C 80 -7.96 0.78 18.64
N SER C 81 -7.83 -0.02 17.57
CA SER C 81 -6.73 0.08 16.64
C SER C 81 -7.11 0.96 15.45
N LYS C 82 -6.22 1.00 14.46
CA LYS C 82 -6.44 1.85 13.29
C LYS C 82 -7.68 1.41 12.51
N ASP C 83 -7.95 0.11 12.48
CA ASP C 83 -9.10 -0.41 11.74
C ASP C 83 -10.40 -0.34 12.53
N TRP C 84 -10.40 0.33 13.68
CA TRP C 84 -11.52 0.59 14.58
C TRP C 84 -11.87 -0.62 15.46
N SER C 85 -11.19 -1.75 15.30
CA SER C 85 -11.46 -2.91 16.14
C SER C 85 -10.90 -2.71 17.55
N PHE C 86 -11.62 -3.22 18.53
CA PHE C 86 -11.30 -2.99 19.93
C PHE C 86 -10.30 -4.02 20.45
N TYR C 87 -9.64 -3.66 21.55
CA TYR C 87 -8.75 -4.57 22.26
C TYR C 87 -8.82 -4.27 23.75
N LEU C 88 -8.71 -5.33 24.55
CA LEU C 88 -8.77 -5.25 26.00
C LEU C 88 -7.81 -6.25 26.60
N LEU C 89 -7.25 -5.90 27.76
CA LEU C 89 -6.39 -6.79 28.53
C LEU C 89 -7.05 -7.09 29.87
N TYR C 90 -7.41 -8.36 30.08
CA TYR C 90 -7.93 -8.82 31.36
C TYR C 90 -6.80 -9.53 32.11
N TYR C 91 -6.62 -9.20 33.38
CA TYR C 91 -5.46 -9.69 34.10
C TYR C 91 -5.79 -9.83 35.59
N THR C 92 -4.97 -10.64 36.26
CA THR C 92 -5.08 -10.86 37.70
C THR C 92 -3.75 -11.41 38.20
N GLU C 93 -3.45 -11.12 39.46
CA GLU C 93 -2.25 -11.64 40.09
C GLU C 93 -2.48 -13.07 40.55
N PHE C 94 -1.50 -13.94 40.32
CA PHE C 94 -1.65 -15.34 40.68
C PHE C 94 -0.28 -15.98 40.91
N THR C 95 -0.28 -17.01 41.75
CA THR C 95 0.91 -17.82 41.98
C THR C 95 0.66 -19.22 41.43
N PRO C 96 1.21 -19.57 40.26
CA PRO C 96 0.92 -20.87 39.69
C PRO C 96 1.60 -21.99 40.47
N THR C 97 0.88 -23.10 40.60
CA THR C 97 1.40 -24.32 41.21
C THR C 97 1.29 -25.48 40.21
N GLU C 98 1.70 -26.66 40.66
CA GLU C 98 1.72 -27.81 39.76
C GLU C 98 0.31 -28.24 39.36
N LYS C 99 -0.62 -28.22 40.31
CA LYS C 99 -1.95 -28.78 40.03
C LYS C 99 -2.86 -27.79 39.31
N ASP C 100 -2.74 -26.50 39.63
CA ASP C 100 -3.72 -25.53 39.15
C ASP C 100 -3.68 -25.38 37.62
N GLU C 101 -4.87 -25.29 37.02
CA GLU C 101 -5.02 -25.08 35.60
C GLU C 101 -5.84 -23.82 35.36
N TYR C 102 -5.44 -23.03 34.36
CA TYR C 102 -6.04 -21.73 34.11
C TYR C 102 -6.49 -21.63 32.66
N ALA C 103 -7.49 -20.79 32.43
CA ALA C 103 -8.03 -20.58 31.09
C ALA C 103 -8.75 -19.24 31.07
N CYS C 104 -9.10 -18.82 29.86
CA CYS C 104 -9.87 -17.60 29.64
C CYS C 104 -11.10 -17.94 28.82
N ARG C 105 -12.27 -17.49 29.28
CA ARG C 105 -13.52 -17.70 28.57
C ARG C 105 -14.03 -16.36 28.03
N VAL C 106 -14.35 -16.33 26.75
CA VAL C 106 -14.75 -15.11 26.06
C VAL C 106 -16.11 -15.34 25.42
N ASN C 107 -17.04 -14.42 25.66
CA ASN C 107 -18.35 -14.43 25.01
C ASN C 107 -18.50 -13.14 24.21
N HIS C 108 -19.12 -13.26 23.04
CA HIS C 108 -19.24 -12.14 22.12
C HIS C 108 -20.38 -12.45 21.16
N VAL C 109 -20.96 -11.38 20.61
CA VAL C 109 -22.11 -11.53 19.71
C VAL C 109 -21.77 -12.39 18.49
N THR C 110 -20.49 -12.50 18.14
CA THR C 110 -20.07 -13.29 17.00
C THR C 110 -19.90 -14.77 17.32
N LEU C 111 -20.08 -15.18 18.58
CA LEU C 111 -19.84 -16.54 19.01
C LEU C 111 -21.16 -17.24 19.32
N SER C 112 -21.33 -18.44 18.79
CA SER C 112 -22.52 -19.23 19.10
C SER C 112 -22.49 -19.75 20.53
N GLN C 113 -21.32 -19.85 21.14
CA GLN C 113 -21.17 -20.19 22.54
C GLN C 113 -19.82 -19.67 23.02
N PRO C 114 -19.67 -19.44 24.32
CA PRO C 114 -18.40 -18.88 24.82
C PRO C 114 -17.22 -19.77 24.46
N LYS C 115 -16.16 -19.14 23.97
CA LYS C 115 -14.93 -19.85 23.63
C LYS C 115 -13.99 -19.86 24.82
N ILE C 116 -13.39 -21.02 25.08
CA ILE C 116 -12.44 -21.20 26.18
C ILE C 116 -11.06 -21.46 25.59
N VAL C 117 -10.08 -20.67 26.03
CA VAL C 117 -8.69 -20.83 25.62
C VAL C 117 -7.87 -21.13 26.87
N LYS C 118 -7.21 -22.28 26.88
CA LYS C 118 -6.46 -22.72 28.05
C LYS C 118 -5.06 -22.11 28.06
N TRP C 119 -4.55 -21.87 29.28
CA TRP C 119 -3.21 -21.36 29.46
C TRP C 119 -2.20 -22.50 29.34
N ASP C 120 -1.29 -22.40 28.39
CA ASP C 120 -0.21 -23.35 28.23
C ASP C 120 0.95 -22.91 29.12
N ARG C 121 1.20 -23.66 30.20
CA ARG C 121 2.26 -23.30 31.13
C ARG C 121 3.62 -23.28 30.44
N ASP C 122 3.89 -24.27 29.59
CA ASP C 122 5.16 -24.35 28.88
C ASP C 122 4.99 -23.93 27.43
N GLY C 144 13.51 7.43 18.38
CA GLY C 144 12.79 7.47 17.12
C GLY C 144 11.60 8.40 17.14
N SER C 145 10.57 8.06 16.38
CA SER C 145 9.38 8.89 16.29
C SER C 145 8.54 8.75 17.56
N HIS C 146 7.63 9.72 17.75
CA HIS C 146 6.73 9.73 18.88
C HIS C 146 5.35 10.17 18.42
N SER C 147 4.36 9.88 19.25
CA SER C 147 2.97 10.18 18.88
C SER C 147 2.14 10.41 20.13
N MET C 148 1.13 11.25 20.00
CA MET C 148 0.09 11.43 21.01
C MET C 148 -1.25 11.04 20.40
N ARG C 149 -2.02 10.25 21.14
CA ARG C 149 -3.22 9.63 20.61
C ARG C 149 -4.37 9.78 21.60
N TYR C 150 -5.55 10.09 21.07
CA TYR C 150 -6.77 10.15 21.87
C TYR C 150 -7.85 9.33 21.20
N PHE C 151 -8.43 8.40 21.95
CA PHE C 151 -9.44 7.49 21.44
C PHE C 151 -10.73 7.68 22.23
N PHE C 152 -11.86 7.71 21.51
CA PHE C 152 -13.16 7.96 22.11
C PHE C 152 -14.15 6.94 21.57
N THR C 153 -14.90 6.31 22.48
CA THR C 153 -15.92 5.32 22.12
C THR C 153 -17.18 5.60 22.91
N SER C 154 -18.30 5.67 22.20
CA SER C 154 -19.62 5.87 22.82
C SER C 154 -20.58 4.84 22.26
N VAL C 155 -21.18 4.06 23.15
CA VAL C 155 -22.06 2.95 22.77
C VAL C 155 -23.44 3.19 23.38
N SER C 156 -24.47 3.21 22.55
CA SER C 156 -25.82 3.50 23.02
C SER C 156 -26.40 2.29 23.74
N ARG C 157 -27.17 2.57 24.80
CA ARG C 157 -27.84 1.54 25.60
C ARG C 157 -29.31 1.94 25.75
N PRO C 158 -30.12 1.73 24.71
CA PRO C 158 -31.51 2.19 24.74
C PRO C 158 -32.28 1.58 25.91
N GLY C 159 -32.85 2.46 26.72
CA GLY C 159 -33.58 2.09 27.93
C GLY C 159 -32.69 1.93 29.13
N ARG C 160 -31.51 1.31 28.94
CA ARG C 160 -30.59 1.10 30.04
C ARG C 160 -29.91 2.38 30.52
N GLY C 161 -30.12 3.50 29.82
CA GLY C 161 -29.62 4.79 30.26
C GLY C 161 -28.88 5.49 29.16
N GLU C 162 -28.04 6.44 29.56
CA GLU C 162 -27.25 7.21 28.62
C GLU C 162 -26.12 6.34 28.05
N PRO C 163 -25.59 6.71 26.88
CA PRO C 163 -24.55 5.88 26.25
C PRO C 163 -23.31 5.74 27.13
N ARG C 164 -22.69 4.56 27.08
CA ARG C 164 -21.42 4.34 27.74
C ARG C 164 -20.31 5.03 26.94
N PHE C 165 -19.61 5.97 27.59
CA PHE C 165 -18.57 6.75 26.96
C PHE C 165 -17.24 6.45 27.62
N ILE C 166 -16.23 6.09 26.83
CA ILE C 166 -14.89 5.79 27.32
C ILE C 166 -13.88 6.54 26.46
N ALA C 167 -13.02 7.31 27.11
CA ALA C 167 -11.96 8.05 26.45
C ALA C 167 -10.62 7.66 27.05
N VAL C 168 -9.62 7.47 26.19
CA VAL C 168 -8.27 7.14 26.64
C VAL C 168 -7.27 7.99 25.86
N GLY C 169 -6.17 8.34 26.51
CA GLY C 169 -5.10 9.09 25.89
C GLY C 169 -3.80 8.30 25.93
N TYR C 170 -3.08 8.32 24.82
CA TYR C 170 -1.83 7.59 24.68
C TYR C 170 -0.71 8.53 24.27
N VAL C 171 0.46 8.31 24.85
CA VAL C 171 1.72 8.81 24.32
C VAL C 171 2.51 7.58 23.90
N ASP C 172 2.66 7.38 22.59
CA ASP C 172 3.23 6.16 22.02
C ASP C 172 2.35 5.00 22.46
N ASP C 173 2.88 3.95 23.11
CA ASP C 173 2.09 2.82 23.57
C ASP C 173 1.88 2.85 25.08
N THR C 174 1.90 4.05 25.68
CA THR C 174 1.71 4.23 27.11
C THR C 174 0.46 5.06 27.34
N GLN C 175 -0.57 4.44 27.92
CA GLN C 175 -1.76 5.17 28.31
C GLN C 175 -1.45 6.08 29.50
N PHE C 176 -1.94 7.32 29.43
CA PHE C 176 -1.68 8.27 30.50
C PHE C 176 -2.93 8.95 31.07
N VAL C 177 -4.07 8.89 30.39
CA VAL C 177 -5.31 9.46 30.91
C VAL C 177 -6.48 8.58 30.48
N ARG C 178 -7.59 8.70 31.21
CA ARG C 178 -8.81 7.97 30.87
C ARG C 178 -10.02 8.75 31.36
N PHE C 179 -11.18 8.41 30.81
CA PHE C 179 -12.45 8.87 31.34
C PHE C 179 -13.50 7.80 31.07
N ASP C 180 -14.29 7.47 32.09
CA ASP C 180 -15.37 6.51 31.96
C ASP C 180 -16.65 7.15 32.51
N SER C 181 -17.70 7.15 31.69
CA SER C 181 -18.95 7.79 32.10
C SER C 181 -19.64 7.05 33.23
N ASP C 182 -19.39 5.75 33.36
CA ASP C 182 -19.99 4.96 34.43
C ASP C 182 -19.17 4.98 35.72
N ALA C 183 -17.96 5.51 35.69
CA ALA C 183 -17.13 5.56 36.89
C ALA C 183 -17.67 6.61 37.85
N ALA C 184 -17.17 6.55 39.09
CA ALA C 184 -17.73 7.37 40.16
C ALA C 184 -17.21 8.80 40.11
N SER C 185 -15.96 9.00 39.70
CA SER C 185 -15.32 10.30 39.85
C SER C 185 -15.92 11.34 38.91
N GLN C 186 -16.31 10.93 37.71
CA GLN C 186 -16.72 11.85 36.64
C GLN C 186 -15.63 12.88 36.37
N ARG C 187 -14.38 12.43 36.42
CA ARG C 187 -13.21 13.26 36.18
C ARG C 187 -12.28 12.55 35.21
N MET C 188 -11.46 13.34 34.50
CA MET C 188 -10.36 12.75 33.76
C MET C 188 -9.33 12.23 34.75
N GLU C 189 -8.97 10.96 34.61
CA GLU C 189 -8.12 10.35 35.61
C GLU C 189 -6.73 10.05 35.04
N PRO C 190 -5.70 10.15 35.87
CA PRO C 190 -4.35 9.77 35.41
C PRO C 190 -4.16 8.27 35.37
N ARG C 191 -3.34 7.83 34.41
CA ARG C 191 -2.94 6.43 34.30
C ARG C 191 -1.44 6.26 34.12
N ALA C 192 -0.67 7.34 34.28
CA ALA C 192 0.78 7.30 34.23
C ALA C 192 1.32 8.19 35.32
N PRO C 193 2.49 7.86 35.89
CA PRO C 193 3.01 8.69 37.00
C PRO C 193 3.35 10.10 36.58
N TRP C 194 3.88 10.30 35.36
CA TRP C 194 4.37 11.61 34.97
C TRP C 194 3.26 12.63 34.73
N ILE C 195 2.02 12.17 34.53
CA ILE C 195 0.92 13.11 34.34
C ILE C 195 0.30 13.56 35.65
N GLU C 196 0.58 12.87 36.75
CA GLU C 196 0.08 13.32 38.05
C GLU C 196 0.68 14.65 38.47
N GLN C 197 1.78 15.06 37.85
CA GLN C 197 2.39 16.36 38.14
C GLN C 197 1.40 17.49 37.91
N GLU C 198 0.60 17.41 36.84
CA GLU C 198 -0.22 18.52 36.40
C GLU C 198 -1.19 18.95 37.48
N GLY C 199 -1.44 20.26 37.56
CA GLY C 199 -2.23 20.84 38.61
C GLY C 199 -3.72 20.82 38.34
N PRO C 200 -4.49 21.42 39.23
CA PRO C 200 -5.95 21.39 39.07
C PRO C 200 -6.45 22.05 37.80
N GLU C 201 -5.78 23.11 37.34
CA GLU C 201 -6.21 23.78 36.12
C GLU C 201 -6.16 22.84 34.93
N TYR C 202 -5.15 21.97 34.88
CA TYR C 202 -5.07 20.98 33.82
C TYR C 202 -6.23 20.00 33.88
N TRP C 203 -6.45 19.40 35.05
CA TRP C 203 -7.46 18.35 35.17
C TRP C 203 -8.87 18.92 35.01
N ASP C 204 -9.10 20.15 35.49
CA ASP C 204 -10.40 20.76 35.29
C ASP C 204 -10.67 21.00 33.81
N GLY C 205 -9.64 21.40 33.06
CA GLY C 205 -9.83 21.63 31.63
C GLY C 205 -10.07 20.36 30.85
N GLU C 206 -9.29 19.31 31.14
CA GLU C 206 -9.49 18.03 30.46
C GLU C 206 -10.85 17.43 30.83
N THR C 207 -11.25 17.54 32.09
CA THR C 207 -12.57 17.05 32.49
C THR C 207 -13.67 17.82 31.77
N ARG C 208 -13.51 19.13 31.62
CA ARG C 208 -14.49 19.92 30.88
C ARG C 208 -14.55 19.47 29.42
N LYS C 209 -13.40 19.31 28.78
CA LYS C 209 -13.38 18.96 27.37
C LYS C 209 -13.93 17.56 27.13
N VAL C 210 -13.54 16.60 27.97
CA VAL C 210 -13.98 15.22 27.75
C VAL C 210 -15.47 15.07 28.03
N LYS C 211 -16.02 15.86 28.95
CA LYS C 211 -17.46 15.84 29.17
C LYS C 211 -18.20 16.39 27.96
N ALA C 212 -17.64 17.43 27.32
CA ALA C 212 -18.23 17.96 26.10
C ALA C 212 -18.09 16.98 24.94
N HIS C 213 -16.98 16.23 24.90
CA HIS C 213 -16.83 15.15 23.92
C HIS C 213 -18.00 14.17 24.01
N SER C 214 -18.30 13.68 25.21
CA SER C 214 -19.33 12.68 25.38
C SER C 214 -20.71 13.21 25.03
N GLN C 215 -20.99 14.46 25.39
CA GLN C 215 -22.29 15.04 25.08
C GLN C 215 -22.49 15.18 23.58
N THR C 216 -21.42 15.48 22.85
CA THR C 216 -21.52 15.58 21.40
C THR C 216 -21.73 14.20 20.77
N LEU C 217 -21.01 13.19 21.25
CA LEU C 217 -21.18 11.84 20.71
C LEU C 217 -22.56 11.28 21.05
N ARG C 218 -23.11 11.65 22.20
CA ARG C 218 -24.48 11.25 22.53
C ARG C 218 -25.45 11.81 21.49
N VAL C 219 -25.29 13.08 21.12
CA VAL C 219 -26.12 13.67 20.08
C VAL C 219 -25.86 12.99 18.75
N ASP C 220 -24.60 12.69 18.45
CA ASP C 220 -24.26 12.05 17.19
C ASP C 220 -24.92 10.68 17.08
N LEU C 221 -25.03 9.95 18.19
CA LEU C 221 -25.66 8.64 18.16
C LEU C 221 -27.14 8.75 17.78
N GLY C 222 -27.87 9.66 18.43
CA GLY C 222 -29.26 9.85 18.07
C GLY C 222 -29.44 10.40 16.68
N THR C 223 -28.51 11.25 16.24
CA THR C 223 -28.58 11.81 14.89
C THR C 223 -28.33 10.74 13.85
N LEU C 224 -27.27 9.93 14.03
CA LEU C 224 -26.93 8.91 13.05
C LEU C 224 -27.97 7.80 12.99
N ARG C 225 -28.65 7.52 14.11
CA ARG C 225 -29.71 6.52 14.11
C ARG C 225 -30.81 6.89 13.12
N GLY C 226 -31.20 8.16 13.08
CA GLY C 226 -32.26 8.58 12.17
C GLY C 226 -31.81 8.64 10.73
N CYS C 227 -30.57 9.08 10.49
CA CYS C 227 -30.09 9.18 9.11
C CYS C 227 -29.98 7.83 8.44
N TYR C 228 -29.66 6.78 9.20
CA TYR C 228 -29.55 5.43 8.66
C TYR C 228 -30.84 4.63 8.82
N ASN C 229 -31.91 5.25 9.33
CA ASN C 229 -33.22 4.62 9.46
C ASN C 229 -33.13 3.34 10.30
N GLN C 230 -32.61 3.50 11.51
CA GLN C 230 -32.40 2.38 12.42
C GLN C 230 -33.35 2.49 13.60
N SER C 231 -33.71 1.33 14.16
CA SER C 231 -34.67 1.27 15.24
C SER C 231 -34.10 1.89 16.52
N GLU C 232 -35.01 2.32 17.40
CA GLU C 232 -34.58 2.94 18.64
C GLU C 232 -34.06 1.92 19.65
N ALA C 233 -34.38 0.63 19.48
CA ALA C 233 -34.02 -0.38 20.46
C ALA C 233 -32.60 -0.89 20.29
N GLY C 234 -32.01 -0.77 19.10
CA GLY C 234 -30.71 -1.34 18.86
C GLY C 234 -29.58 -0.52 19.44
N SER C 235 -28.45 -1.21 19.65
CA SER C 235 -27.24 -0.59 20.19
C SER C 235 -26.28 -0.26 19.06
N HIS C 236 -25.67 0.93 19.13
CA HIS C 236 -24.77 1.40 18.09
C HIS C 236 -23.58 2.08 18.71
N THR C 237 -22.54 2.28 17.90
CA THR C 237 -21.24 2.76 18.37
C THR C 237 -20.75 3.89 17.47
N VAL C 238 -20.21 4.93 18.10
CA VAL C 238 -19.47 5.98 17.41
C VAL C 238 -18.07 6.03 17.99
N GLN C 239 -17.08 6.14 17.13
CA GLN C 239 -15.67 6.17 17.55
C GLN C 239 -15.01 7.41 16.98
N ARG C 240 -14.28 8.12 17.83
CA ARG C 240 -13.52 9.31 17.45
C ARG C 240 -12.07 9.11 17.83
N MET C 241 -11.18 9.52 16.92
CA MET C 241 -9.74 9.36 17.10
C MET C 241 -9.00 10.51 16.45
N TYR C 242 -8.06 11.08 17.18
CA TYR C 242 -7.20 12.13 16.64
C TYR C 242 -5.88 12.15 17.39
N GLY C 243 -4.89 12.76 16.77
CA GLY C 243 -3.57 12.83 17.36
C GLY C 243 -2.55 13.33 16.35
N CYS C 244 -1.28 13.30 16.77
CA CYS C 244 -0.20 13.85 15.97
C CYS C 244 1.05 13.01 16.13
N ASP C 245 1.83 12.93 15.04
CA ASP C 245 3.14 12.28 15.05
C ASP C 245 4.25 13.32 14.96
N VAL C 246 5.35 13.05 15.64
CA VAL C 246 6.56 13.85 15.50
C VAL C 246 7.73 12.91 15.24
N GLY C 247 8.75 13.43 14.57
CA GLY C 247 9.95 12.67 14.30
C GLY C 247 10.86 12.60 15.51
N SER C 248 12.05 12.04 15.29
CA SER C 248 13.04 12.02 16.35
C SER C 248 13.48 13.40 16.78
N ASP C 249 13.28 14.41 15.91
CA ASP C 249 13.56 15.80 16.24
C ASP C 249 12.39 16.50 16.92
N TRP C 250 11.33 15.76 17.25
CA TRP C 250 10.15 16.29 17.93
C TRP C 250 9.42 17.35 17.09
N ARG C 251 9.56 17.28 15.77
CA ARG C 251 8.88 18.19 14.87
C ARG C 251 7.77 17.46 14.13
N PHE C 252 6.72 18.21 13.79
CA PHE C 252 5.47 17.63 13.31
C PHE C 252 5.68 16.82 12.03
N LEU C 253 5.08 15.63 12.00
CA LEU C 253 5.10 14.75 10.83
C LEU C 253 3.73 14.58 10.21
N ARG C 254 2.73 14.15 10.99
CA ARG C 254 1.41 13.89 10.46
C ARG C 254 0.37 14.09 11.55
N GLY C 255 -0.87 14.35 11.13
CA GLY C 255 -1.98 14.49 12.05
C GLY C 255 -3.18 13.71 11.55
N TYR C 256 -4.05 13.35 12.49
CA TYR C 256 -5.22 12.52 12.21
C TYR C 256 -6.43 13.08 12.93
N HIS C 257 -7.61 12.80 12.36
CA HIS C 257 -8.89 13.12 12.97
C HIS C 257 -10.00 12.43 12.19
N GLN C 258 -10.47 11.29 12.69
CA GLN C 258 -11.40 10.45 11.94
C GLN C 258 -12.53 9.97 12.85
N TYR C 259 -13.66 9.67 12.22
CA TYR C 259 -14.83 9.16 12.90
C TYR C 259 -15.22 7.81 12.31
N ALA C 260 -15.96 7.02 13.09
CA ALA C 260 -16.50 5.76 12.63
C ALA C 260 -17.86 5.52 13.28
N TYR C 261 -18.76 4.91 12.52
CA TYR C 261 -20.08 4.52 13.01
C TYR C 261 -20.24 3.03 12.81
N ASP C 262 -20.46 2.31 13.92
CA ASP C 262 -20.60 0.86 13.91
C ASP C 262 -19.41 0.18 13.23
N GLY C 263 -18.22 0.65 13.57
CA GLY C 263 -17.00 0.05 13.07
C GLY C 263 -16.69 0.31 11.62
N LYS C 264 -17.42 1.22 10.97
CA LYS C 264 -17.21 1.55 9.57
C LYS C 264 -16.80 3.01 9.46
N ASP C 265 -15.86 3.29 8.56
CA ASP C 265 -15.41 4.66 8.33
C ASP C 265 -16.59 5.57 8.02
N TYR C 266 -16.63 6.71 8.69
CA TYR C 266 -17.68 7.71 8.46
C TYR C 266 -17.09 8.96 7.81
N ILE C 267 -16.24 9.70 8.51
CA ILE C 267 -15.56 10.85 7.94
C ILE C 267 -14.18 10.94 8.55
N ALA C 268 -13.20 11.37 7.75
CA ALA C 268 -11.82 11.44 8.18
C ALA C 268 -11.16 12.67 7.59
N LEU C 269 -10.30 13.32 8.38
CA LEU C 269 -9.49 14.42 7.90
C LEU C 269 -8.32 13.87 7.10
N LYS C 270 -8.09 14.42 5.92
CA LYS C 270 -7.02 13.93 5.06
C LYS C 270 -5.66 14.41 5.56
N GLU C 271 -4.60 13.85 4.97
CA GLU C 271 -3.25 14.13 5.44
C GLU C 271 -2.89 15.60 5.30
N ASP C 272 -3.52 16.32 4.37
CA ASP C 272 -3.25 17.74 4.22
C ASP C 272 -3.88 18.58 5.32
N LEU C 273 -4.75 17.98 6.15
CA LEU C 273 -5.45 18.67 7.23
C LEU C 273 -6.32 19.82 6.73
N ARG C 274 -6.72 19.79 5.47
CA ARG C 274 -7.55 20.83 4.88
C ARG C 274 -8.85 20.32 4.27
N SER C 275 -8.90 19.06 3.84
CA SER C 275 -10.07 18.49 3.21
C SER C 275 -10.52 17.25 3.97
N TRP C 276 -11.69 16.73 3.59
CA TRP C 276 -12.32 15.61 4.28
C TRP C 276 -12.56 14.46 3.32
N THR C 277 -12.59 13.25 3.87
CA THR C 277 -12.98 12.05 3.16
C THR C 277 -14.29 11.54 3.75
N ALA C 278 -15.36 11.57 2.96
CA ALA C 278 -16.67 11.13 3.38
C ALA C 278 -16.96 9.76 2.76
N ALA C 279 -17.47 8.84 3.58
CA ALA C 279 -17.61 7.46 3.14
C ALA C 279 -18.89 7.22 2.35
N ASP C 280 -20.01 7.79 2.78
CA ASP C 280 -21.29 7.55 2.13
C ASP C 280 -22.07 8.87 2.09
N MET C 281 -23.33 8.76 1.67
CA MET C 281 -24.15 9.96 1.47
C MET C 281 -24.42 10.69 2.78
N ALA C 282 -24.53 9.95 3.89
CA ALA C 282 -24.78 10.60 5.17
C ALA C 282 -23.60 11.47 5.59
N ALA C 283 -22.38 11.00 5.34
CA ALA C 283 -21.20 11.78 5.72
C ALA C 283 -20.97 12.98 4.82
N GLN C 284 -21.56 12.98 3.62
CA GLN C 284 -21.44 14.14 2.73
C GLN C 284 -22.08 15.37 3.36
N THR C 285 -23.22 15.19 4.00
CA THR C 285 -23.88 16.31 4.69
C THR C 285 -23.01 16.83 5.82
N THR C 286 -22.44 15.92 6.62
CA THR C 286 -21.51 16.33 7.67
C THR C 286 -20.29 17.02 7.08
N LYS C 287 -19.79 16.50 5.95
CA LYS C 287 -18.64 17.11 5.29
C LYS C 287 -18.94 18.55 4.87
N HIS C 288 -20.11 18.80 4.31
CA HIS C 288 -20.46 20.15 3.88
C HIS C 288 -20.66 21.07 5.09
N LYS C 289 -21.28 20.56 6.16
CA LYS C 289 -21.48 21.38 7.34
C LYS C 289 -20.15 21.74 7.99
N TRP C 290 -19.18 20.84 7.93
CA TRP C 290 -17.86 21.11 8.51
C TRP C 290 -17.01 22.00 7.61
N GLU C 291 -17.22 21.92 6.29
CA GLU C 291 -16.55 22.86 5.40
C GLU C 291 -17.08 24.27 5.56
N ALA C 292 -18.39 24.41 5.78
CA ALA C 292 -18.98 25.73 5.97
C ALA C 292 -18.54 26.34 7.29
N ALA C 293 -18.38 25.52 8.32
CA ALA C 293 -17.95 25.98 9.64
C ALA C 293 -16.44 26.07 9.76
N HIS C 294 -15.69 25.68 8.72
CA HIS C 294 -14.24 25.72 8.72
C HIS C 294 -13.66 24.94 9.91
N VAL C 295 -14.16 23.71 10.07
CA VAL C 295 -13.69 22.86 11.16
C VAL C 295 -12.25 22.43 10.93
N ALA C 296 -11.88 22.18 9.67
CA ALA C 296 -10.54 21.67 9.37
C ALA C 296 -9.47 22.68 9.76
N GLU C 297 -9.76 23.97 9.62
CA GLU C 297 -8.78 25.00 10.00
C GLU C 297 -8.50 24.94 11.50
N GLN C 298 -9.54 24.79 12.32
CA GLN C 298 -9.34 24.70 13.76
C GLN C 298 -8.62 23.41 14.15
N LEU C 299 -8.83 22.33 13.40
CA LEU C 299 -8.15 21.07 13.69
C LEU C 299 -6.67 21.14 13.30
N ARG C 300 -6.36 21.74 12.15
CA ARG C 300 -4.97 21.85 11.73
C ARG C 300 -4.16 22.67 12.73
N ALA C 301 -4.77 23.70 13.32
CA ALA C 301 -4.06 24.49 14.33
C ALA C 301 -3.76 23.66 15.57
N TYR C 302 -4.69 22.80 15.97
CA TYR C 302 -4.44 21.92 17.11
C TYR C 302 -3.39 20.87 16.79
N LEU C 303 -3.55 20.18 15.66
CA LEU C 303 -2.68 19.05 15.35
C LEU C 303 -1.26 19.50 15.06
N GLU C 304 -1.09 20.62 14.35
CA GLU C 304 0.24 21.12 14.03
C GLU C 304 0.87 21.90 15.17
N GLY C 305 0.06 22.43 16.09
CA GLY C 305 0.60 23.28 17.14
C GLY C 305 0.38 22.75 18.54
N THR C 306 -0.87 22.80 19.02
CA THR C 306 -1.16 22.43 20.39
C THR C 306 -0.81 20.97 20.66
N CYS C 307 -1.18 20.08 19.75
CA CYS C 307 -0.86 18.66 19.92
C CYS C 307 0.64 18.44 20.04
N VAL C 308 1.42 19.05 19.17
CA VAL C 308 2.87 18.89 19.20
C VAL C 308 3.44 19.48 20.49
N GLU C 309 2.96 20.66 20.88
CA GLU C 309 3.49 21.34 22.06
C GLU C 309 3.37 20.48 23.31
N TRP C 310 2.19 19.93 23.56
CA TRP C 310 1.97 19.16 24.78
C TRP C 310 2.57 17.77 24.70
N LEU C 311 2.69 17.20 23.49
CA LEU C 311 3.44 15.96 23.34
C LEU C 311 4.88 16.15 23.77
N ARG C 312 5.49 17.29 23.42
CA ARG C 312 6.87 17.56 23.83
C ARG C 312 6.96 17.73 25.34
N ARG C 313 5.96 18.35 25.96
CA ARG C 313 5.96 18.47 27.41
C ARG C 313 5.83 17.10 28.07
N TYR C 314 4.96 16.24 27.53
CA TYR C 314 4.80 14.91 28.09
C TYR C 314 6.08 14.09 27.94
N LEU C 315 6.71 14.16 26.77
CA LEU C 315 7.96 13.43 26.57
C LEU C 315 9.04 13.90 27.53
N GLU C 316 9.05 15.20 27.84
CA GLU C 316 10.03 15.72 28.79
C GLU C 316 9.69 15.32 30.22
N ASN C 317 8.44 15.50 30.61
CA ASN C 317 8.04 15.20 31.98
C ASN C 317 8.14 13.70 32.29
N GLY C 318 7.90 12.86 31.30
CA GLY C 318 8.00 11.42 31.49
C GLY C 318 9.15 10.82 30.73
N LYS C 319 10.30 11.49 30.72
CA LYS C 319 11.43 11.03 29.95
C LYS C 319 11.98 9.71 30.46
N GLU C 320 11.89 9.46 31.77
CA GLU C 320 12.39 8.20 32.31
C GLU C 320 11.60 7.02 31.80
N THR C 321 10.32 7.22 31.47
CA THR C 321 9.45 6.16 30.98
C THR C 321 9.28 6.19 29.47
N LEU C 322 8.98 7.37 28.91
CA LEU C 322 8.57 7.45 27.51
C LEU C 322 9.75 7.39 26.54
N GLN C 323 10.92 7.87 26.96
CA GLN C 323 12.08 7.91 26.07
C GLN C 323 13.00 6.70 26.25
N ARG C 324 12.55 5.68 26.98
CA ARG C 324 13.29 4.44 27.06
C ARG C 324 13.01 3.56 25.85
N THR C 325 14.00 2.76 25.47
CA THR C 325 13.84 1.72 24.47
C THR C 325 14.35 0.42 25.07
N ASP C 326 13.45 -0.55 25.21
CA ASP C 326 13.79 -1.87 25.74
C ASP C 326 13.87 -2.84 24.57
N ALA C 327 15.07 -3.31 24.27
CA ALA C 327 15.25 -4.25 23.18
C ALA C 327 14.62 -5.60 23.54
N PRO C 328 14.04 -6.30 22.57
CA PRO C 328 13.37 -7.57 22.87
C PRO C 328 14.38 -8.65 23.25
N LYS C 329 14.09 -9.32 24.37
CA LYS C 329 14.81 -10.54 24.72
C LYS C 329 14.29 -11.68 23.85
N THR C 330 15.15 -12.22 23.00
CA THR C 330 14.74 -13.17 21.98
C THR C 330 15.25 -14.58 22.30
N HIS C 331 14.49 -15.57 21.84
CA HIS C 331 14.91 -16.97 21.91
C HIS C 331 14.01 -17.76 20.96
N MET C 332 14.22 -19.06 20.93
CA MET C 332 13.68 -19.93 19.90
C MET C 332 13.31 -21.27 20.51
N THR C 333 12.22 -21.87 20.00
CA THR C 333 11.79 -23.19 20.44
C THR C 333 11.46 -24.06 19.24
N HIS C 334 11.80 -25.34 19.34
CA HIS C 334 11.54 -26.32 18.30
C HIS C 334 10.81 -27.51 18.91
N HIS C 335 9.72 -27.93 18.28
CA HIS C 335 8.95 -29.07 18.75
C HIS C 335 8.54 -29.92 17.55
N ALA C 336 8.08 -31.13 17.83
CA ALA C 336 7.71 -32.09 16.80
C ALA C 336 6.19 -32.17 16.71
N VAL C 337 5.64 -31.81 15.55
CA VAL C 337 4.22 -31.95 15.32
C VAL C 337 3.88 -33.34 14.81
N SER C 338 4.69 -33.87 13.90
CA SER C 338 4.52 -35.22 13.37
C SER C 338 5.91 -35.86 13.28
N ASP C 339 6.01 -36.94 12.51
CA ASP C 339 7.32 -37.54 12.28
C ASP C 339 8.10 -36.79 11.21
N HIS C 340 7.42 -36.35 10.15
CA HIS C 340 8.08 -35.63 9.07
C HIS C 340 8.20 -34.14 9.38
N GLU C 341 7.20 -33.57 10.05
CA GLU C 341 7.13 -32.14 10.28
C GLU C 341 7.69 -31.77 11.65
N ALA C 342 7.91 -30.47 11.83
CA ALA C 342 8.39 -29.92 13.09
C ALA C 342 8.10 -28.42 13.07
N THR C 343 7.86 -27.87 14.26
CA THR C 343 7.46 -26.48 14.40
C THR C 343 8.58 -25.65 15.01
N LEU C 344 8.93 -24.56 14.34
CA LEU C 344 9.91 -23.59 14.83
C LEU C 344 9.19 -22.30 15.18
N ARG C 345 9.42 -21.80 16.40
CA ARG C 345 8.70 -20.64 16.91
C ARG C 345 9.70 -19.63 17.45
N CYS C 346 9.67 -18.42 16.90
CA CYS C 346 10.59 -17.35 17.28
C CYS C 346 9.91 -16.45 18.30
N TRP C 347 10.58 -16.23 19.43
CA TRP C 347 10.01 -15.49 20.55
C TRP C 347 10.67 -14.12 20.69
N ALA C 348 9.88 -13.15 21.16
CA ALA C 348 10.37 -11.81 21.45
C ALA C 348 9.59 -11.26 22.64
N LEU C 349 10.29 -10.95 23.72
CA LEU C 349 9.65 -10.59 24.98
C LEU C 349 10.22 -9.30 25.54
N SER C 350 9.40 -8.61 26.34
CA SER C 350 9.83 -7.51 27.20
C SER C 350 10.42 -6.36 26.39
N PHE C 351 9.79 -6.01 25.27
CA PHE C 351 10.27 -4.93 24.43
C PHE C 351 9.29 -3.76 24.42
N TYR C 352 9.84 -2.56 24.25
CA TYR C 352 9.09 -1.32 24.16
C TYR C 352 9.86 -0.41 23.22
N PRO C 353 9.17 0.27 22.28
CA PRO C 353 7.72 0.23 22.05
C PRO C 353 7.22 -1.05 21.38
N ALA C 354 5.93 -1.11 21.11
CA ALA C 354 5.31 -2.33 20.60
C ALA C 354 5.66 -2.59 19.13
N GLU C 355 6.07 -1.55 18.39
CA GLU C 355 6.38 -1.73 16.98
C GLU C 355 7.55 -2.67 16.78
N ILE C 356 7.31 -3.76 16.06
CA ILE C 356 8.31 -4.81 15.87
C ILE C 356 7.95 -5.56 14.60
N THR C 357 8.92 -6.29 14.06
CA THR C 357 8.70 -7.11 12.87
C THR C 357 9.44 -8.44 13.04
N LEU C 358 8.70 -9.54 12.86
CA LEU C 358 9.26 -10.88 12.92
C LEU C 358 8.95 -11.59 11.62
N THR C 359 9.98 -11.97 10.87
CA THR C 359 9.82 -12.60 9.58
C THR C 359 10.61 -13.89 9.52
N TRP C 360 10.11 -14.84 8.73
CA TRP C 360 10.74 -16.14 8.51
C TRP C 360 11.34 -16.18 7.12
N GLN C 361 12.49 -16.83 6.98
CA GLN C 361 13.17 -16.94 5.70
C GLN C 361 13.72 -18.34 5.52
N ARG C 362 13.28 -19.02 4.46
CA ARG C 362 13.81 -20.32 4.07
C ARG C 362 14.86 -20.09 2.98
N ASP C 363 16.12 -20.31 3.32
CA ASP C 363 17.25 -20.08 2.41
C ASP C 363 17.29 -18.64 1.92
N GLY C 364 16.94 -17.70 2.81
CA GLY C 364 16.97 -16.30 2.51
C GLY C 364 15.71 -15.73 1.90
N GLU C 365 14.85 -16.57 1.34
CA GLU C 365 13.60 -16.11 0.74
C GLU C 365 12.51 -16.01 1.81
N ASP C 366 11.79 -14.89 1.82
CA ASP C 366 10.78 -14.62 2.83
C ASP C 366 9.65 -15.64 2.71
N GLN C 367 9.58 -16.56 3.68
CA GLN C 367 8.55 -17.60 3.69
C GLN C 367 7.30 -17.03 4.33
N THR C 368 6.45 -16.39 3.51
CA THR C 368 5.20 -15.85 4.01
C THR C 368 4.16 -16.94 4.23
N GLN C 369 4.01 -17.84 3.26
CA GLN C 369 3.08 -18.94 3.41
C GLN C 369 3.60 -19.95 4.44
N ASP C 370 2.67 -20.62 5.10
CA ASP C 370 2.99 -21.56 6.19
C ASP C 370 3.75 -20.86 7.31
N THR C 371 3.22 -19.73 7.75
CA THR C 371 3.83 -18.93 8.81
C THR C 371 2.74 -18.37 9.69
N GLU C 372 2.75 -18.74 10.96
CA GLU C 372 1.75 -18.28 11.94
C GLU C 372 2.33 -17.11 12.72
N LEU C 373 1.80 -15.92 12.47
CA LEU C 373 2.25 -14.69 13.13
C LEU C 373 1.17 -14.24 14.11
N VAL C 374 1.49 -14.25 15.39
CA VAL C 374 0.54 -13.86 16.43
C VAL C 374 0.63 -12.35 16.66
N GLU C 375 -0.48 -11.76 17.08
CA GLU C 375 -0.52 -10.32 17.28
C GLU C 375 0.28 -9.92 18.52
N THR C 376 0.94 -8.76 18.42
CA THR C 376 1.67 -8.23 19.57
C THR C 376 0.72 -8.01 20.74
N ARG C 377 1.19 -8.33 21.94
CA ARG C 377 0.34 -8.33 23.12
C ARG C 377 1.05 -7.62 24.27
N PRO C 378 0.29 -6.97 25.16
CA PRO C 378 0.92 -6.31 26.31
C PRO C 378 1.18 -7.30 27.44
N ALA C 379 2.36 -7.20 28.04
CA ALA C 379 2.66 -8.00 29.22
C ALA C 379 1.95 -7.49 30.45
N GLY C 380 1.51 -6.23 30.44
CA GLY C 380 0.83 -5.63 31.57
C GLY C 380 1.70 -4.76 32.45
N ASP C 381 3.02 -4.75 32.22
CA ASP C 381 3.94 -3.94 32.99
C ASP C 381 4.60 -2.86 32.13
N GLY C 382 4.02 -2.53 30.99
CA GLY C 382 4.56 -1.55 30.08
C GLY C 382 5.31 -2.14 28.89
N THR C 383 5.68 -3.42 28.95
CA THR C 383 6.40 -4.07 27.88
C THR C 383 5.42 -4.88 27.01
N PHE C 384 5.94 -5.49 25.95
CA PHE C 384 5.12 -6.20 24.98
C PHE C 384 5.79 -7.51 24.60
N GLN C 385 5.00 -8.38 23.95
CA GLN C 385 5.44 -9.71 23.57
C GLN C 385 4.93 -10.03 22.18
N LYS C 386 5.59 -10.99 21.53
CA LYS C 386 5.21 -11.43 20.20
C LYS C 386 5.93 -12.73 19.87
N TRP C 387 5.35 -13.53 18.99
CA TRP C 387 6.03 -14.70 18.46
C TRP C 387 5.51 -15.02 17.06
N ALA C 388 6.36 -15.67 16.28
CA ALA C 388 6.03 -16.13 14.94
C ALA C 388 6.50 -17.57 14.79
N ALA C 389 5.76 -18.35 14.00
CA ALA C 389 6.03 -19.77 13.85
C ALA C 389 5.96 -20.17 12.39
N VAL C 390 6.70 -21.23 12.05
CA VAL C 390 6.70 -21.81 10.72
C VAL C 390 6.83 -23.32 10.87
N VAL C 391 6.15 -24.06 10.00
CA VAL C 391 6.19 -25.52 10.03
C VAL C 391 7.27 -25.98 9.06
N VAL C 392 8.25 -26.71 9.60
CA VAL C 392 9.44 -27.08 8.83
C VAL C 392 9.63 -28.59 8.83
N PRO C 393 10.23 -29.14 7.78
CA PRO C 393 10.61 -30.57 7.82
C PRO C 393 11.61 -30.83 8.93
N SER C 394 11.66 -32.09 9.38
CA SER C 394 12.43 -32.42 10.57
C SER C 394 13.92 -32.13 10.39
N GLY C 395 14.50 -32.65 9.31
CA GLY C 395 15.93 -32.49 9.09
C GLY C 395 16.36 -31.18 8.48
N GLN C 396 15.43 -30.44 7.86
CA GLN C 396 15.74 -29.19 7.18
C GLN C 396 15.51 -27.97 8.05
N GLU C 397 15.81 -28.08 9.35
CA GLU C 397 15.56 -26.97 10.26
C GLU C 397 16.61 -25.88 10.15
N GLN C 398 17.84 -26.23 9.76
CA GLN C 398 18.91 -25.24 9.70
C GLN C 398 18.75 -24.28 8.54
N ARG C 399 17.89 -24.58 7.57
CA ARG C 399 17.68 -23.69 6.44
C ARG C 399 16.84 -22.46 6.81
N TYR C 400 16.11 -22.52 7.90
CA TYR C 400 15.18 -21.46 8.28
C TYR C 400 15.85 -20.50 9.26
N THR C 401 15.54 -19.21 9.12
CA THR C 401 16.04 -18.18 10.03
C THR C 401 14.90 -17.23 10.37
N CYS C 402 14.96 -16.67 11.58
CA CYS C 402 14.00 -15.70 12.06
C CYS C 402 14.69 -14.33 12.15
N HIS C 403 14.03 -13.31 11.62
CA HIS C 403 14.59 -11.96 11.53
C HIS C 403 13.79 -11.00 12.39
N VAL C 404 14.49 -10.28 13.26
CA VAL C 404 13.87 -9.40 14.25
C VAL C 404 14.29 -7.96 13.93
N GLN C 405 13.30 -7.09 13.78
CA GLN C 405 13.53 -5.66 13.56
C GLN C 405 12.85 -4.89 14.67
N HIS C 406 13.61 -4.06 15.38
CA HIS C 406 13.07 -3.28 16.48
C HIS C 406 13.92 -2.03 16.65
N GLU C 407 13.27 -0.95 17.10
CA GLU C 407 13.97 0.31 17.28
C GLU C 407 15.05 0.20 18.35
N GLY C 408 14.80 -0.60 19.39
CA GLY C 408 15.77 -0.77 20.45
C GLY C 408 16.97 -1.61 20.07
N LEU C 409 16.96 -2.24 18.89
CA LEU C 409 18.09 -3.03 18.44
C LEU C 409 19.05 -2.17 17.62
N PRO C 410 20.36 -2.31 17.85
CA PRO C 410 21.31 -1.60 16.98
C PRO C 410 21.18 -2.00 15.52
N LYS C 411 21.17 -3.30 15.24
CA LYS C 411 20.99 -3.84 13.91
C LYS C 411 20.01 -5.00 13.98
N PRO C 412 19.30 -5.30 12.89
CA PRO C 412 18.37 -6.44 12.91
C PRO C 412 19.07 -7.74 13.25
N LEU C 413 18.37 -8.57 14.02
CA LEU C 413 18.91 -9.83 14.50
C LEU C 413 18.45 -10.99 13.63
N THR C 414 19.29 -12.02 13.54
CA THR C 414 18.96 -13.26 12.85
C THR C 414 19.12 -14.42 13.83
N LEU C 415 18.09 -15.26 13.90
CA LEU C 415 18.07 -16.39 14.83
C LEU C 415 17.97 -17.69 14.04
N ARG C 416 18.79 -18.67 14.41
CA ARG C 416 18.79 -19.98 13.76
C ARG C 416 18.88 -21.06 14.82
N TRP C 417 18.33 -22.23 14.49
CA TRP C 417 18.34 -23.36 15.40
C TRP C 417 19.74 -23.94 15.54
N GLU D 1 -18.17 -38.21 27.90
CA GLU D 1 -17.98 -38.75 29.24
C GLU D 1 -19.05 -38.21 30.21
N VAL D 2 -19.15 -36.89 30.28
CA VAL D 2 -20.12 -36.23 31.16
C VAL D 2 -21.43 -36.05 30.40
N LYS D 3 -22.54 -36.33 31.08
CA LYS D 3 -23.87 -36.12 30.53
C LYS D 3 -24.66 -35.22 31.48
N LEU D 4 -25.31 -34.20 30.92
CA LEU D 4 -26.10 -33.25 31.68
C LEU D 4 -27.58 -33.49 31.40
N VAL D 5 -28.33 -33.84 32.44
CA VAL D 5 -29.75 -34.14 32.32
C VAL D 5 -30.54 -32.91 32.76
N GLU D 6 -31.30 -32.33 31.83
CA GLU D 6 -32.06 -31.12 32.10
C GLU D 6 -33.54 -31.44 32.22
N SER D 7 -34.26 -30.57 32.93
CA SER D 7 -35.70 -30.72 33.11
C SER D 7 -36.23 -29.43 33.74
N GLY D 8 -37.53 -29.21 33.59
CA GLY D 8 -38.20 -28.12 34.26
C GLY D 8 -38.65 -26.96 33.38
N GLY D 9 -38.49 -27.06 32.06
CA GLY D 9 -38.87 -26.00 31.16
C GLY D 9 -40.33 -26.09 30.76
N GLY D 10 -40.68 -25.30 29.74
CA GLY D 10 -42.01 -25.34 29.17
C GLY D 10 -42.68 -23.99 29.05
N LEU D 11 -44.00 -23.98 29.14
CA LEU D 11 -44.81 -22.77 28.96
C LEU D 11 -45.22 -22.21 30.31
N VAL D 12 -45.24 -20.88 30.40
CA VAL D 12 -45.61 -20.19 31.63
C VAL D 12 -46.19 -18.83 31.26
N GLN D 13 -47.12 -18.35 32.09
CA GLN D 13 -47.73 -17.04 31.88
C GLN D 13 -46.79 -15.93 32.35
N PRO D 14 -46.92 -14.74 31.78
CA PRO D 14 -46.11 -13.61 32.28
C PRO D 14 -46.34 -13.36 33.75
N GLY D 15 -45.24 -13.09 34.47
CA GLY D 15 -45.26 -12.97 35.90
C GLY D 15 -45.13 -14.28 36.65
N GLY D 16 -45.29 -15.40 35.97
CA GLY D 16 -45.17 -16.70 36.60
C GLY D 16 -43.73 -17.07 36.88
N SER D 17 -43.54 -18.34 37.22
CA SER D 17 -42.24 -18.84 37.62
C SER D 17 -42.04 -20.27 37.14
N LEU D 18 -40.78 -20.64 36.94
CA LEU D 18 -40.39 -21.99 36.59
C LEU D 18 -39.13 -22.35 37.36
N ARG D 19 -38.89 -23.64 37.51
CA ARG D 19 -37.69 -24.15 38.15
C ARG D 19 -37.00 -25.13 37.21
N LEU D 20 -35.82 -24.76 36.73
CA LEU D 20 -34.98 -25.67 35.98
C LEU D 20 -34.12 -26.49 36.92
N SER D 21 -33.74 -27.68 36.45
CA SER D 21 -32.83 -28.55 37.18
C SER D 21 -31.85 -29.15 36.18
N CYS D 22 -30.61 -29.35 36.63
CA CYS D 22 -29.57 -29.92 35.79
C CYS D 22 -28.71 -30.84 36.64
N ALA D 23 -28.69 -32.13 36.28
CA ALA D 23 -27.91 -33.12 37.00
C ALA D 23 -26.77 -33.61 36.13
N ALA D 24 -25.56 -33.62 36.68
CA ALA D 24 -24.39 -34.08 35.95
C ALA D 24 -24.11 -35.54 36.28
N SER D 25 -23.79 -36.31 35.24
CA SER D 25 -23.43 -37.71 35.41
C SER D 25 -21.94 -37.85 35.64
N GLY D 26 -21.52 -39.08 35.96
CA GLY D 26 -20.13 -39.36 36.19
C GLY D 26 -19.69 -39.07 37.61
N SER D 27 -18.38 -38.87 37.77
CA SER D 27 -17.81 -38.62 39.08
C SER D 27 -18.16 -37.22 39.58
N ILE D 28 -18.21 -37.09 40.91
CA ILE D 28 -18.40 -35.76 41.51
C ILE D 28 -17.16 -34.90 41.37
N PHE D 29 -15.99 -35.52 41.17
CA PHE D 29 -14.74 -34.81 40.95
C PHE D 29 -14.56 -34.41 39.49
N SER D 30 -15.60 -34.55 38.67
CA SER D 30 -15.50 -34.30 37.24
C SER D 30 -16.09 -32.96 36.82
N ILE D 31 -16.85 -32.29 37.69
CA ILE D 31 -17.52 -31.05 37.33
C ILE D 31 -17.42 -30.07 38.50
N ASN D 32 -17.02 -28.84 38.21
CA ASN D 32 -16.99 -27.77 39.20
C ASN D 32 -18.16 -26.82 38.98
N THR D 33 -17.93 -25.76 38.21
CA THR D 33 -18.97 -24.77 37.96
C THR D 33 -20.10 -25.37 37.11
N MET D 34 -21.34 -25.11 37.52
CA MET D 34 -22.52 -25.50 36.79
C MET D 34 -23.46 -24.31 36.69
N GLY D 35 -24.14 -24.19 35.55
CA GLY D 35 -25.05 -23.08 35.37
C GLY D 35 -25.80 -23.14 34.07
N TRP D 36 -26.34 -21.99 33.66
CA TRP D 36 -27.20 -21.88 32.50
C TRP D 36 -26.81 -20.70 31.63
N TYR D 37 -26.81 -20.92 30.33
CA TYR D 37 -26.86 -19.88 29.32
C TYR D 37 -28.19 -19.97 28.59
N ARG D 38 -28.53 -18.92 27.84
CA ARG D 38 -29.79 -18.93 27.11
C ARG D 38 -29.59 -18.29 25.74
N GLN D 39 -30.27 -18.87 24.74
CA GLN D 39 -30.09 -18.46 23.35
C GLN D 39 -30.73 -17.09 23.12
N THR D 40 -29.93 -16.14 22.65
CA THR D 40 -30.45 -14.81 22.32
C THR D 40 -31.12 -14.80 20.95
N LYS D 43 -28.53 -15.94 17.94
CA LYS D 43 -27.21 -16.36 17.49
C LYS D 43 -26.29 -16.61 18.69
N GLN D 44 -26.16 -15.60 19.53
CA GLN D 44 -25.33 -15.68 20.73
C GLN D 44 -26.16 -16.24 21.89
N ARG D 45 -25.48 -16.89 22.83
CA ARG D 45 -26.11 -17.30 24.07
C ARG D 45 -25.52 -16.52 25.24
N ASP D 46 -26.40 -16.01 26.10
CA ASP D 46 -26.03 -15.13 27.19
C ASP D 46 -26.04 -15.86 28.52
N LEU D 47 -25.17 -15.44 29.43
CA LEU D 47 -25.11 -16.03 30.76
C LEU D 47 -26.37 -15.70 31.54
N VAL D 48 -26.96 -16.72 32.17
CA VAL D 48 -28.12 -16.53 33.04
C VAL D 48 -27.64 -16.58 34.47
N ALA D 49 -27.10 -17.73 34.88
CA ALA D 49 -26.60 -17.92 36.23
C ALA D 49 -25.73 -19.16 36.25
N ASP D 50 -24.73 -19.15 37.13
CA ASP D 50 -23.93 -20.34 37.39
C ASP D 50 -23.39 -20.28 38.81
N ILE D 51 -22.93 -21.43 39.29
CA ILE D 51 -22.51 -21.57 40.69
C ILE D 51 -21.37 -22.57 40.75
N SER D 52 -20.33 -22.25 41.51
CA SER D 52 -19.24 -23.18 41.72
C SER D 52 -19.63 -24.22 42.76
N SER D 53 -18.85 -25.29 42.81
CA SER D 53 -19.10 -26.33 43.81
C SER D 53 -19.00 -25.78 45.23
N GLY D 54 -18.21 -24.73 45.42
CA GLY D 54 -18.16 -24.07 46.71
C GLY D 54 -19.29 -23.10 46.97
N GLY D 55 -20.17 -22.89 46.00
CA GLY D 55 -21.34 -22.04 46.18
C GLY D 55 -21.18 -20.61 45.73
N SER D 56 -20.15 -20.29 44.95
CA SER D 56 -19.94 -18.93 44.46
C SER D 56 -20.79 -18.71 43.22
N THR D 57 -21.68 -17.72 43.27
CA THR D 57 -22.67 -17.49 42.23
C THR D 57 -22.33 -16.25 41.40
N LYS D 58 -22.90 -16.23 40.19
CA LYS D 58 -22.80 -15.10 39.28
C LYS D 58 -24.04 -15.07 38.41
N TYR D 59 -24.61 -13.88 38.22
CA TYR D 59 -25.85 -13.72 37.50
C TYR D 59 -25.68 -12.73 36.36
N GLY D 60 -26.41 -12.97 35.27
CA GLY D 60 -26.52 -11.98 34.23
C GLY D 60 -27.32 -10.78 34.71
N ASP D 61 -27.02 -9.62 34.14
CA ASP D 61 -27.64 -8.38 34.59
C ASP D 61 -29.15 -8.40 34.39
N SER D 62 -29.61 -9.03 33.31
CA SER D 62 -31.03 -8.97 32.97
C SER D 62 -31.89 -9.88 33.85
N VAL D 63 -31.29 -10.76 34.65
CA VAL D 63 -32.05 -11.66 35.51
C VAL D 63 -31.69 -11.48 36.97
N LYS D 64 -30.87 -10.48 37.30
CA LYS D 64 -30.50 -10.25 38.69
C LYS D 64 -31.73 -9.90 39.52
N GLY D 65 -31.83 -10.51 40.70
CA GLY D 65 -32.92 -10.29 41.61
C GLY D 65 -34.12 -11.20 41.39
N ARG D 66 -34.38 -11.60 40.15
CA ARG D 66 -35.50 -12.46 39.81
C ARG D 66 -35.12 -13.93 39.75
N PHE D 67 -33.93 -14.25 39.28
CA PHE D 67 -33.48 -15.64 39.16
C PHE D 67 -32.55 -15.98 40.32
N THR D 68 -32.64 -17.21 40.79
CA THR D 68 -31.80 -17.67 41.91
C THR D 68 -31.33 -19.08 41.61
N ILE D 69 -30.01 -19.26 41.55
CA ILE D 69 -29.41 -20.58 41.35
C ILE D 69 -28.99 -21.15 42.69
N SER D 70 -29.13 -22.46 42.83
CA SER D 70 -28.77 -23.16 44.05
C SER D 70 -28.17 -24.51 43.68
N ARG D 71 -27.56 -25.18 44.65
CA ARG D 71 -26.81 -26.39 44.38
C ARG D 71 -26.96 -27.38 45.53
N ASP D 72 -27.32 -28.61 45.20
CA ASP D 72 -27.27 -29.74 46.13
C ASP D 72 -25.94 -30.43 45.87
N ASN D 73 -24.90 -30.01 46.60
CA ASN D 73 -23.54 -30.42 46.31
C ASN D 73 -23.22 -31.85 46.75
N THR D 74 -24.16 -32.55 47.38
CA THR D 74 -23.96 -33.99 47.58
C THR D 74 -23.96 -34.72 46.25
N LYS D 75 -24.87 -34.38 45.36
CA LYS D 75 -24.79 -34.74 43.95
C LYS D 75 -24.16 -33.56 43.20
N ASN D 76 -24.14 -33.64 41.88
CA ASN D 76 -23.78 -32.50 41.04
C ASN D 76 -25.03 -32.03 40.30
N THR D 77 -25.97 -31.48 41.07
CA THR D 77 -27.25 -31.03 40.57
C THR D 77 -27.46 -29.58 40.99
N VAL D 78 -27.85 -28.74 40.04
CA VAL D 78 -28.13 -27.33 40.31
C VAL D 78 -29.56 -27.03 39.92
N TYR D 79 -30.14 -26.03 40.58
CA TYR D 79 -31.52 -25.63 40.37
C TYR D 79 -31.57 -24.14 40.05
N LEU D 80 -32.42 -23.76 39.10
CA LEU D 80 -32.60 -22.36 38.73
C LEU D 80 -34.06 -21.99 38.99
N GLN D 81 -34.28 -21.16 40.01
CA GLN D 81 -35.61 -20.64 40.32
C GLN D 81 -35.79 -19.33 39.56
N MET D 82 -36.61 -19.35 38.52
CA MET D 82 -36.83 -18.17 37.68
C MET D 82 -38.18 -17.57 38.06
N ASN D 83 -38.15 -16.44 38.74
CA ASN D 83 -39.37 -15.74 39.16
C ASN D 83 -39.64 -14.54 38.27
N SER D 84 -40.89 -14.09 38.28
CA SER D 84 -41.32 -12.87 37.59
C SER D 84 -40.90 -12.90 36.12
N LEU D 85 -41.31 -13.95 35.42
CA LEU D 85 -40.86 -14.15 34.05
C LEU D 85 -41.58 -13.20 33.09
N LYS D 86 -40.84 -12.73 32.09
CA LYS D 86 -41.32 -11.82 31.07
C LYS D 86 -41.23 -12.48 29.70
N PRO D 87 -41.94 -11.96 28.70
CA PRO D 87 -41.76 -12.49 27.33
C PRO D 87 -40.33 -12.46 26.84
N GLU D 88 -39.53 -11.47 27.25
CA GLU D 88 -38.14 -11.39 26.83
C GLU D 88 -37.27 -12.47 27.47
N ASP D 89 -37.79 -13.23 28.43
CA ASP D 89 -37.07 -14.37 28.96
C ASP D 89 -37.26 -15.64 28.13
N THR D 90 -38.11 -15.57 27.10
CA THR D 90 -38.31 -16.72 26.23
C THR D 90 -37.03 -17.04 25.47
N ALA D 91 -36.56 -18.28 25.60
CA ALA D 91 -35.35 -18.74 24.93
C ALA D 91 -35.18 -20.23 25.24
N VAL D 92 -34.21 -20.83 24.57
CA VAL D 92 -33.72 -22.15 24.94
C VAL D 92 -32.63 -21.96 25.98
N TYR D 93 -32.81 -22.55 27.15
CA TYR D 93 -31.86 -22.42 28.26
C TYR D 93 -30.95 -23.63 28.26
N TYR D 94 -29.66 -23.40 28.05
CA TYR D 94 -28.66 -24.46 27.98
C TYR D 94 -27.97 -24.60 29.33
N CYS D 95 -28.04 -25.80 29.91
CA CYS D 95 -27.20 -26.10 31.05
C CYS D 95 -25.76 -26.32 30.60
N TYR D 96 -24.83 -26.03 31.50
CA TYR D 96 -23.42 -26.23 31.20
C TYR D 96 -22.66 -26.54 32.47
N GLY D 97 -21.48 -27.11 32.31
CA GLY D 97 -20.61 -27.43 33.43
C GLY D 97 -19.17 -27.32 33.02
N LEU D 98 -18.32 -26.98 34.00
CA LEU D 98 -16.89 -26.87 33.79
C LEU D 98 -16.17 -27.93 34.61
N SER D 99 -15.33 -28.72 33.94
CA SER D 99 -14.47 -29.65 34.65
C SER D 99 -13.39 -28.86 35.40
N TYR D 100 -12.73 -29.55 36.34
CA TYR D 100 -11.64 -28.90 37.05
C TYR D 100 -10.41 -28.65 36.16
N SER D 101 -10.47 -29.04 34.89
CA SER D 101 -9.45 -28.69 33.91
C SER D 101 -9.99 -27.71 32.86
N ASN D 102 -11.09 -27.02 33.17
CA ASN D 102 -11.67 -25.98 32.31
C ASN D 102 -12.15 -26.55 30.98
N ASP D 103 -12.71 -27.75 31.01
CA ASP D 103 -13.43 -28.30 29.87
C ASP D 103 -14.92 -28.03 30.07
N ASP D 104 -15.57 -27.52 29.03
CA ASP D 104 -16.97 -27.15 29.11
C ASP D 104 -17.84 -28.23 28.49
N TYR D 105 -18.93 -28.57 29.18
CA TYR D 105 -19.92 -29.52 28.71
C TYR D 105 -21.27 -28.83 28.62
N TRP D 106 -22.04 -29.18 27.60
CA TRP D 106 -23.29 -28.47 27.32
C TRP D 106 -24.44 -29.46 27.19
N GLY D 107 -25.56 -29.14 27.82
CA GLY D 107 -26.77 -29.91 27.63
C GLY D 107 -27.48 -29.54 26.34
N GLN D 108 -28.53 -30.31 26.04
CA GLN D 108 -29.29 -30.07 24.82
C GLN D 108 -30.14 -28.82 24.90
N GLY D 109 -30.50 -28.38 26.10
CA GLY D 109 -31.29 -27.18 26.28
C GLY D 109 -32.76 -27.48 26.47
N THR D 110 -33.43 -26.60 27.20
CA THR D 110 -34.87 -26.71 27.45
C THR D 110 -35.54 -25.42 27.04
N GLN D 111 -36.53 -25.51 26.15
CA GLN D 111 -37.28 -24.34 25.72
C GLN D 111 -38.09 -23.78 26.89
N VAL D 112 -38.00 -22.47 27.09
CA VAL D 112 -38.84 -21.74 28.03
C VAL D 112 -39.59 -20.69 27.24
N THR D 113 -40.92 -20.72 27.31
CA THR D 113 -41.75 -19.75 26.61
C THR D 113 -42.67 -19.05 27.61
N VAL D 114 -42.65 -17.73 27.59
CA VAL D 114 -43.51 -16.91 28.43
C VAL D 114 -44.50 -16.21 27.51
N SER D 115 -45.79 -16.55 27.67
CA SER D 115 -46.87 -16.07 26.80
C SER D 115 -46.81 -14.57 26.51
P PO4 E . 18.93 6.95 -31.43
O1 PO4 E . 18.59 8.27 -32.09
O2 PO4 E . 19.17 7.17 -29.95
O3 PO4 E . 20.18 6.38 -32.05
O4 PO4 E . 17.79 5.98 -31.61
P PO4 F . -16.89 -3.05 32.96
O1 PO4 F . -18.38 -2.97 32.73
O2 PO4 F . -16.41 -1.81 33.66
O3 PO4 F . -16.20 -3.19 31.63
O4 PO4 F . -16.58 -4.26 33.82
#